data_4G73
#
_entry.id   4G73
#
_cell.length_a   127.406
_cell.length_b   230.186
_cell.length_c   112.921
_cell.angle_alpha   90.00
_cell.angle_beta   90.00
_cell.angle_gamma   90.00
#
_symmetry.space_group_name_H-M   'C 2 2 21'
#
loop_
_entity.id
_entity.type
_entity.pdbx_description
1 polymer 'Rotenone-insensitive NADH-ubiquinone oxidoreductase, mitochondrial'
2 non-polymer 2,3-DIMETHOXY-5-METHYL-6-(3,11,15,19-TETRAMETHYL-EICOSA-2,6,10,14,18-PENTAENYL)-[1,4]BENZOQUINONE
3 non-polymer 'MAGNESIUM ION'
4 non-polymer 'FLAVIN-ADENINE DINUCLEOTIDE'
5 non-polymer '1,4-DIHYDRONICOTINAMIDE ADENINE DINUCLEOTIDE'
6 water water
#
_entity_poly.entity_id   1
_entity_poly.type   'polypeptide(L)'
_entity_poly.pdbx_seq_one_letter_code
;MRGSHHHHHHGSSTRSTGVENSGAGPTSFKTMKVIDPQHSDKPNVLILGSGWGAISFLKHIDTKKYNVSIISPRSYFLFT
PLLPSAPVGTVDEKSIIEPIVNFALKKKGNVTYYEAEATSINPDRNTVTIKSLSAVSQLYQPENHLGLHQAEPAEIKYDY
LISAVGAEPNTFGIPGVTDYGHFLKEIPNSLEIRRTFAANLEKANLLPKGDPERRRLLSIVVVGGGPTGVEAAGELQDYV
HQDLRKFLPALAEEVQIHLVEALPIVLNMFEKKLSSYAQSHLENTSIKVHLRTAVAKVEEKQLLAKTKHEDGKITEETIP
YGTLIWATGNKARPVITDLFKKIPEQNSSKRGLAVNDFLQVKGSNNIFAIGDNAFAGLPPTAQVAHQEAEYLAKNFDKMA
QIPNFQKNLSSRKDKIDLLFEENNFKPFKYNDLGALAYLGSERAIATIRSGKRTFYTGGGLMTFYLWRILYLSMILSARS
RLKVFFDWIKLAFFKRDFFKGL
;
_entity_poly.pdbx_strand_id   A,B
#
# COMPACT_ATOMS: atom_id res chain seq x y z
N THR A 31 33.40 12.70 20.98
CA THR A 31 33.34 11.53 20.08
C THR A 31 31.91 11.07 19.79
N MET A 32 30.98 11.48 20.67
CA MET A 32 29.58 11.08 20.57
C MET A 32 28.73 12.34 20.73
N LYS A 33 27.98 12.73 19.70
CA LYS A 33 27.19 13.96 19.80
C LYS A 33 26.11 13.92 20.90
N VAL A 34 25.95 15.03 21.62
CA VAL A 34 24.99 15.09 22.74
C VAL A 34 23.98 16.21 22.51
N ILE A 35 22.69 15.87 22.54
CA ILE A 35 21.67 16.87 22.31
C ILE A 35 21.06 17.30 23.64
N ASP A 36 21.30 18.54 24.04
CA ASP A 36 20.81 19.02 25.33
C ASP A 36 20.23 20.42 25.21
N PRO A 37 18.93 20.50 24.92
CA PRO A 37 18.25 21.79 24.71
C PRO A 37 18.10 22.59 26.01
N GLN A 38 18.78 23.73 26.10
CA GLN A 38 18.63 24.60 27.26
C GLN A 38 18.16 26.01 26.89
N HIS A 39 17.43 26.11 25.78
CA HIS A 39 16.79 27.35 25.36
C HIS A 39 15.78 27.84 26.40
N SER A 40 15.01 26.90 26.97
CA SER A 40 14.01 27.24 27.98
C SER A 40 14.32 26.64 29.35
N ASP A 41 13.53 27.04 30.33
CA ASP A 41 13.62 26.48 31.67
C ASP A 41 12.45 25.52 31.89
N LYS A 42 11.77 25.15 30.81
CA LYS A 42 10.86 24.01 30.80
C LYS A 42 11.68 22.73 30.83
N PRO A 43 11.25 21.76 31.64
CA PRO A 43 11.97 20.48 31.72
C PRO A 43 11.84 19.69 30.41
N ASN A 44 12.93 19.03 30.00
CA ASN A 44 12.93 18.19 28.83
C ASN A 44 12.36 16.81 29.13
N VAL A 45 11.18 16.54 28.58
CA VAL A 45 10.56 15.22 28.70
C VAL A 45 10.84 14.41 27.45
N LEU A 46 11.51 13.26 27.61
CA LEU A 46 11.85 12.39 26.49
C LEU A 46 11.00 11.11 26.48
N ILE A 47 10.29 10.88 25.38
CA ILE A 47 9.42 9.70 25.26
C ILE A 47 10.04 8.67 24.32
N LEU A 48 10.08 7.41 24.75
CA LEU A 48 10.53 6.35 23.87
C LEU A 48 9.31 5.61 23.33
N GLY A 49 9.23 5.51 22.00
CA GLY A 49 8.19 4.73 21.33
C GLY A 49 7.11 5.59 20.66
N SER A 50 6.30 4.97 19.81
CA SER A 50 5.20 5.66 19.15
C SER A 50 3.97 4.77 19.09
N GLY A 51 3.79 3.97 20.15
CA GLY A 51 2.65 3.07 20.24
C GLY A 51 1.64 3.55 21.28
N TRP A 52 0.94 2.61 21.91
CA TRP A 52 -0.18 2.97 22.80
C TRP A 52 0.22 3.86 23.97
N GLY A 53 1.29 3.51 24.66
CA GLY A 53 1.72 4.32 25.80
C GLY A 53 2.21 5.68 25.37
N ALA A 54 3.16 5.69 24.45
CA ALA A 54 3.79 6.92 24.01
C ALA A 54 2.78 7.92 23.44
N ILE A 55 1.88 7.45 22.58
CA ILE A 55 0.95 8.38 21.90
C ILE A 55 -0.14 8.87 22.84
N SER A 56 -0.65 7.97 23.68
CA SER A 56 -1.64 8.37 24.66
C SER A 56 -1.04 9.42 25.60
N PHE A 57 0.17 9.15 26.08
CA PHE A 57 0.89 10.12 26.89
C PHE A 57 1.08 11.46 26.17
N LEU A 58 1.56 11.38 24.92
CA LEU A 58 1.77 12.59 24.11
C LEU A 58 0.50 13.41 24.00
N LYS A 59 -0.65 12.71 23.83
CA LYS A 59 -1.92 13.39 23.66
C LYS A 59 -2.30 14.22 24.89
N HIS A 60 -1.92 13.73 26.08
CA HIS A 60 -2.30 14.39 27.34
C HIS A 60 -1.23 15.26 28.00
N ILE A 61 0.04 15.14 27.59
CA ILE A 61 1.12 15.90 28.24
C ILE A 61 0.96 17.39 27.90
N ASP A 62 1.22 18.27 28.89
CA ASP A 62 1.11 19.72 28.66
C ASP A 62 2.41 20.30 28.08
N THR A 63 2.38 20.63 26.79
CA THR A 63 3.58 21.12 26.12
C THR A 63 3.86 22.58 26.42
N LYS A 64 2.96 23.20 27.19
CA LYS A 64 3.20 24.57 27.65
C LYS A 64 4.11 24.54 28.88
N LYS A 65 4.07 23.44 29.62
CA LYS A 65 4.90 23.30 30.82
C LYS A 65 6.16 22.49 30.52
N TYR A 66 6.07 21.63 29.52
CA TYR A 66 7.17 20.72 29.23
C TYR A 66 7.63 20.79 27.81
N ASN A 67 8.92 20.55 27.63
CA ASN A 67 9.49 20.40 26.31
C ASN A 67 9.48 18.91 25.99
N VAL A 68 8.86 18.54 24.88
CA VAL A 68 8.62 17.12 24.61
C VAL A 68 9.39 16.63 23.39
N SER A 69 10.12 15.54 23.57
CA SER A 69 10.82 14.88 22.47
C SER A 69 10.42 13.41 22.43
N ILE A 70 10.48 12.82 21.23
CA ILE A 70 10.06 11.45 21.01
C ILE A 70 11.09 10.73 20.17
N ILE A 71 11.55 9.57 20.65
CA ILE A 71 12.39 8.67 19.87
C ILE A 71 11.62 7.40 19.55
N SER A 72 11.48 7.12 18.25
CA SER A 72 10.84 5.89 17.79
C SER A 72 11.21 5.62 16.36
N PRO A 73 11.51 4.35 16.04
CA PRO A 73 11.91 3.95 14.67
C PRO A 73 10.71 3.87 13.72
N ARG A 74 9.50 3.91 14.28
CA ARG A 74 8.26 3.80 13.54
C ARG A 74 7.64 5.19 13.56
N SER A 75 7.50 5.82 12.39
CA SER A 75 7.04 7.22 12.30
C SER A 75 5.54 7.38 12.49
N TYR A 76 4.86 6.29 12.88
CA TYR A 76 3.41 6.33 13.07
C TYR A 76 2.95 5.49 14.26
N PHE A 77 1.76 5.85 14.74
CA PHE A 77 1.02 5.04 15.69
C PHE A 77 0.23 3.94 14.97
N LEU A 78 0.26 2.74 15.56
CA LEU A 78 -0.47 1.58 15.01
C LEU A 78 -1.67 1.21 15.90
N PHE A 79 -2.86 1.26 15.33
CA PHE A 79 -4.02 0.82 16.05
C PHE A 79 -4.04 -0.73 16.07
N THR A 80 -3.22 -1.32 16.94
CA THR A 80 -3.06 -2.78 17.02
C THR A 80 -4.33 -3.66 16.95
N PRO A 81 -5.45 -3.25 17.60
CA PRO A 81 -6.57 -4.22 17.57
C PRO A 81 -7.15 -4.52 16.18
N LEU A 82 -6.88 -3.69 15.18
CA LEU A 82 -7.36 -3.97 13.81
C LEU A 82 -6.27 -4.57 12.92
N LEU A 83 -5.07 -4.72 13.47
CA LEU A 83 -4.00 -5.36 12.69
C LEU A 83 -4.41 -6.72 12.11
N PRO A 84 -5.11 -7.59 12.90
CA PRO A 84 -5.55 -8.86 12.30
C PRO A 84 -6.44 -8.73 11.06
N SER A 85 -7.17 -7.63 10.93
CA SER A 85 -7.99 -7.41 9.73
C SER A 85 -7.20 -6.92 8.52
N ALA A 86 -5.93 -6.59 8.68
CA ALA A 86 -5.21 -5.98 7.55
C ALA A 86 -4.70 -6.96 6.48
N PRO A 87 -4.15 -8.13 6.90
CA PRO A 87 -3.56 -9.02 5.88
C PRO A 87 -4.49 -9.39 4.74
N VAL A 88 -5.81 -9.49 5.00
CA VAL A 88 -6.75 -9.82 3.95
C VAL A 88 -7.54 -8.61 3.49
N GLY A 89 -7.20 -7.42 3.97
CA GLY A 89 -7.79 -6.20 3.43
C GLY A 89 -9.19 -5.91 3.91
N THR A 90 -9.58 -6.50 5.04
CA THR A 90 -10.85 -6.12 5.64
C THR A 90 -10.77 -4.61 5.92
N VAL A 91 -9.61 -4.18 6.44
CA VAL A 91 -9.23 -2.77 6.41
C VAL A 91 -7.85 -2.69 5.74
N ASP A 92 -7.49 -1.51 5.25
CA ASP A 92 -6.19 -1.27 4.68
C ASP A 92 -5.12 -0.96 5.77
N GLU A 93 -3.86 -1.32 5.49
CA GLU A 93 -2.78 -0.96 6.38
C GLU A 93 -2.72 0.55 6.68
N LYS A 94 -2.99 1.39 5.68
CA LYS A 94 -2.87 2.83 5.91
C LYS A 94 -3.96 3.36 6.82
N SER A 95 -5.11 2.70 6.76
CA SER A 95 -6.29 3.08 7.56
C SER A 95 -6.07 2.98 9.06
N ILE A 96 -5.21 2.05 9.50
CA ILE A 96 -5.07 1.83 10.95
C ILE A 96 -3.79 2.44 11.49
N ILE A 97 -3.10 3.22 10.67
CA ILE A 97 -1.95 3.95 11.18
C ILE A 97 -2.16 5.44 11.03
N GLU A 98 -1.43 6.19 11.87
CA GLU A 98 -1.54 7.64 11.93
C GLU A 98 -0.15 8.18 12.27
N PRO A 99 0.44 9.02 11.38
CA PRO A 99 1.77 9.63 11.58
C PRO A 99 1.90 10.35 12.93
N ILE A 100 3.03 10.18 13.62
CA ILE A 100 3.28 10.82 14.90
C ILE A 100 3.11 12.33 14.81
N VAL A 101 3.64 12.85 13.72
CA VAL A 101 3.61 14.26 13.36
C VAL A 101 2.19 14.88 13.46
N ASN A 102 1.16 14.13 13.08
CA ASN A 102 -0.22 14.63 13.14
C ASN A 102 -0.74 14.80 14.55
N PHE A 103 -0.30 13.96 15.48
CA PHE A 103 -0.64 14.14 16.90
C PHE A 103 0.13 15.36 17.42
N ALA A 104 1.38 15.49 16.97
CA ALA A 104 2.29 16.54 17.47
C ALA A 104 1.88 17.94 17.02
N LEU A 105 1.39 18.06 15.78
CA LEU A 105 0.87 19.33 15.29
C LEU A 105 -0.25 19.88 16.19
N LYS A 106 -0.97 18.99 16.85
CA LYS A 106 -2.04 19.43 17.74
C LYS A 106 -1.56 20.02 19.09
N LYS A 107 -0.27 19.87 19.40
CA LYS A 107 0.28 20.38 20.65
C LYS A 107 0.62 21.87 20.57
N LYS A 108 0.43 22.59 21.67
CA LYS A 108 0.63 24.04 21.67
C LYS A 108 2.10 24.42 21.74
N GLY A 109 2.90 23.59 22.41
CA GLY A 109 4.31 23.85 22.58
C GLY A 109 5.24 23.23 21.56
N ASN A 110 6.49 22.98 21.98
CA ASN A 110 7.51 22.44 21.10
C ASN A 110 7.60 20.92 21.19
N VAL A 111 7.45 20.24 20.05
CA VAL A 111 7.62 18.80 20.02
C VAL A 111 8.68 18.43 18.99
N THR A 112 9.57 17.52 19.35
CA THR A 112 10.58 17.06 18.40
C THR A 112 10.45 15.54 18.25
N TYR A 113 10.45 15.08 17.00
CA TYR A 113 10.43 13.65 16.76
C TYR A 113 11.71 13.15 16.07
N TYR A 114 12.47 12.32 16.79
CA TYR A 114 13.62 11.63 16.21
C TYR A 114 13.21 10.26 15.68
N GLU A 115 13.23 10.10 14.37
CA GLU A 115 12.97 8.79 13.83
C GLU A 115 14.27 8.00 13.93
N ALA A 116 14.40 7.27 15.03
CA ALA A 116 15.57 6.44 15.33
C ALA A 116 15.21 5.40 16.39
N GLU A 117 16.08 4.43 16.57
CA GLU A 117 15.90 3.41 17.61
C GLU A 117 16.74 3.71 18.86
N ALA A 118 16.11 3.71 20.03
CA ALA A 118 16.89 3.81 21.27
C ALA A 118 17.65 2.49 21.45
N THR A 119 18.96 2.57 21.57
CA THR A 119 19.79 1.36 21.73
C THR A 119 20.34 1.24 23.15
N SER A 120 20.39 2.36 23.87
CA SER A 120 20.87 2.32 25.24
C SER A 120 20.31 3.43 26.11
N ILE A 121 19.72 3.02 27.21
CA ILE A 121 19.28 3.97 28.23
C ILE A 121 20.41 4.14 29.26
N ASN A 122 20.88 5.38 29.41
CA ASN A 122 22.03 5.70 30.25
C ASN A 122 21.61 6.53 31.46
N PRO A 123 21.16 5.84 32.53
CA PRO A 123 20.44 6.51 33.63
C PRO A 123 21.31 7.46 34.46
N ASP A 124 22.60 7.13 34.59
CA ASP A 124 23.45 7.95 35.44
C ASP A 124 23.91 9.24 34.78
N ARG A 125 23.88 9.30 33.45
CA ARG A 125 24.07 10.60 32.80
C ARG A 125 22.81 11.20 32.17
N ASN A 126 21.65 10.59 32.45
CA ASN A 126 20.34 11.06 31.96
C ASN A 126 20.30 11.22 30.44
N THR A 127 20.69 10.15 29.77
CA THR A 127 20.84 10.21 28.35
C THR A 127 20.25 8.94 27.71
N VAL A 128 19.78 9.07 26.47
CA VAL A 128 19.45 7.89 25.68
C VAL A 128 20.31 7.85 24.41
N THR A 129 20.96 6.72 24.18
CA THR A 129 21.72 6.57 22.94
C THR A 129 20.77 6.14 21.83
N ILE A 130 20.91 6.72 20.65
CA ILE A 130 20.12 6.33 19.50
C ILE A 130 20.98 5.89 18.32
N LYS A 131 20.43 5.06 17.44
CA LYS A 131 21.12 4.58 16.23
C LYS A 131 20.09 4.48 15.12
N SER A 132 20.55 4.18 13.90
CA SER A 132 19.65 4.06 12.76
C SER A 132 18.80 5.31 12.57
N LEU A 133 19.38 6.47 12.86
CA LEU A 133 18.69 7.74 12.69
C LEU A 133 18.33 7.95 11.22
N SER A 134 17.06 8.28 10.93
CA SER A 134 16.64 8.53 9.56
C SER A 134 16.22 9.96 9.33
N ALA A 135 15.63 10.58 10.35
CA ALA A 135 15.06 11.92 10.21
C ALA A 135 14.87 12.55 11.58
N VAL A 136 14.84 13.87 11.61
CA VAL A 136 14.49 14.58 12.84
C VAL A 136 13.48 15.66 12.43
N SER A 137 12.40 15.76 13.18
CA SER A 137 11.41 16.77 12.82
C SER A 137 11.13 17.66 14.01
N GLN A 138 11.45 18.94 13.84
CA GLN A 138 11.25 19.94 14.89
C GLN A 138 10.05 20.76 14.52
N LEU A 139 8.93 20.46 15.15
CA LEU A 139 7.66 21.11 14.84
C LEU A 139 7.53 22.46 15.54
N TYR A 140 8.58 23.28 15.40
CA TYR A 140 8.56 24.67 15.88
C TYR A 140 9.47 25.51 15.03
N GLN A 141 9.07 26.76 14.83
CA GLN A 141 9.67 27.55 13.76
C GLN A 141 10.94 28.37 14.13
N PRO A 142 11.21 28.61 15.44
CA PRO A 142 12.59 29.01 15.76
C PRO A 142 13.61 28.00 15.22
N GLU A 143 13.53 26.75 15.68
CA GLU A 143 14.32 25.62 15.11
C GLU A 143 15.84 25.81 15.27
N ASN A 144 16.46 24.95 16.07
CA ASN A 144 17.92 24.95 16.21
C ASN A 144 18.55 23.81 15.43
N HIS A 145 19.46 24.12 14.52
CA HIS A 145 20.15 23.08 13.76
C HIS A 145 20.98 22.24 14.75
N LEU A 146 20.79 20.93 14.70
CA LEU A 146 21.36 20.04 15.70
C LEU A 146 22.63 19.38 15.19
N GLY A 147 22.85 19.46 13.88
CA GLY A 147 24.03 18.90 13.27
C GLY A 147 24.13 17.39 13.37
N LEU A 148 23.00 16.71 13.19
CA LEU A 148 22.99 15.25 13.15
C LEU A 148 23.06 14.77 11.70
N HIS A 149 23.59 13.57 11.50
CA HIS A 149 23.71 12.95 10.20
C HIS A 149 23.05 11.56 10.29
N GLN A 150 22.54 11.04 9.18
CA GLN A 150 21.90 9.71 9.22
C GLN A 150 22.92 8.65 9.58
N ALA A 151 22.46 7.67 10.35
CA ALA A 151 23.31 6.55 10.73
C ALA A 151 24.56 7.00 11.48
N GLU A 152 24.44 8.13 12.19
CA GLU A 152 25.42 8.48 13.20
C GLU A 152 24.79 8.44 14.57
N PRO A 153 25.42 7.73 15.51
CA PRO A 153 24.90 7.65 16.88
C PRO A 153 24.84 9.03 17.51
N ALA A 154 23.97 9.16 18.49
CA ALA A 154 23.93 10.38 19.26
C ALA A 154 23.33 10.00 20.62
N GLU A 155 23.46 10.89 21.60
CA GLU A 155 22.80 10.69 22.86
C GLU A 155 21.86 11.86 23.07
N ILE A 156 20.67 11.58 23.58
CA ILE A 156 19.70 12.64 23.84
C ILE A 156 19.55 12.82 25.35
N LYS A 157 19.73 14.05 25.80
CA LYS A 157 19.66 14.37 27.23
C LYS A 157 18.21 14.56 27.58
N TYR A 158 17.83 14.13 28.77
CA TYR A 158 16.47 14.35 29.27
C TYR A 158 16.46 14.80 30.73
N ASP A 159 15.36 15.42 31.15
CA ASP A 159 15.12 15.64 32.56
C ASP A 159 14.22 14.52 33.06
N TYR A 160 13.27 14.12 32.21
CA TYR A 160 12.35 13.03 32.51
C TYR A 160 12.28 12.08 31.32
N LEU A 161 12.43 10.79 31.60
CA LEU A 161 12.29 9.75 30.58
C LEU A 161 11.00 8.97 30.77
N ILE A 162 10.22 8.85 29.69
CA ILE A 162 9.00 8.01 29.68
C ILE A 162 9.28 6.87 28.72
N SER A 163 9.43 5.66 29.25
CA SER A 163 9.76 4.51 28.42
C SER A 163 8.52 3.74 28.05
N ALA A 164 8.25 3.68 26.75
CA ALA A 164 7.13 2.92 26.20
C ALA A 164 7.50 2.20 24.87
N VAL A 165 8.58 1.42 24.88
CA VAL A 165 9.05 0.79 23.65
C VAL A 165 8.34 -0.54 23.41
N GLY A 166 7.44 -0.89 24.33
CA GLY A 166 6.61 -2.08 24.19
C GLY A 166 7.41 -3.35 24.34
N ALA A 167 7.02 -4.40 23.62
CA ALA A 167 7.68 -5.70 23.72
C ALA A 167 7.77 -6.36 22.35
N GLU A 168 8.67 -7.33 22.21
CA GLU A 168 8.80 -8.03 20.94
C GLU A 168 8.27 -9.48 21.00
N PRO A 169 7.85 -10.03 19.84
CA PRO A 169 7.27 -11.38 19.78
C PRO A 169 8.22 -12.42 20.36
N ASN A 170 7.65 -13.40 21.05
CA ASN A 170 8.46 -14.42 21.72
C ASN A 170 8.31 -15.79 21.05
N THR A 171 9.41 -16.34 20.53
CA THR A 171 9.44 -17.67 19.94
C THR A 171 9.55 -18.83 20.95
N PHE A 172 9.82 -18.50 22.21
CA PHE A 172 10.00 -19.51 23.28
C PHE A 172 11.11 -20.51 22.93
N GLY A 173 12.10 -20.06 22.16
CA GLY A 173 13.16 -20.95 21.73
C GLY A 173 12.76 -22.04 20.74
N ILE A 174 11.50 -22.08 20.31
CA ILE A 174 11.08 -23.07 19.31
C ILE A 174 11.92 -22.85 18.05
N PRO A 175 12.67 -23.88 17.62
CA PRO A 175 13.46 -23.68 16.39
C PRO A 175 12.59 -23.47 15.12
N GLY A 176 13.01 -22.53 14.29
CA GLY A 176 12.37 -22.34 12.99
C GLY A 176 11.32 -21.26 12.86
N VAL A 177 10.71 -20.80 13.96
CA VAL A 177 9.56 -19.89 13.81
C VAL A 177 9.94 -18.55 13.16
N THR A 178 11.16 -18.10 13.43
CA THR A 178 11.66 -16.84 12.93
C THR A 178 11.98 -16.97 11.44
N ASP A 179 12.56 -18.10 11.07
CA ASP A 179 12.89 -18.33 9.65
C ASP A 179 11.67 -18.63 8.80
N TYR A 180 10.68 -19.31 9.36
CA TYR A 180 9.64 -19.89 8.52
C TYR A 180 8.23 -19.39 8.82
N GLY A 181 8.01 -18.79 9.99
CA GLY A 181 6.73 -18.20 10.34
C GLY A 181 6.71 -16.69 10.13
N HIS A 182 5.59 -16.07 10.45
CA HIS A 182 5.42 -14.63 10.36
C HIS A 182 4.84 -14.23 11.70
N PHE A 183 5.41 -13.23 12.37
CA PHE A 183 4.70 -12.69 13.54
C PHE A 183 3.55 -11.85 13.06
N LEU A 184 2.67 -11.48 13.98
CA LEU A 184 1.59 -10.55 13.63
C LEU A 184 1.66 -9.42 14.64
N LYS A 185 2.61 -8.51 14.45
CA LYS A 185 2.96 -7.53 15.48
C LYS A 185 3.04 -6.10 14.91
N GLU A 186 3.43 -5.98 13.64
CA GLU A 186 3.68 -4.70 12.98
C GLU A 186 3.17 -4.73 11.55
N ILE A 187 2.96 -3.54 10.99
CA ILE A 187 2.47 -3.43 9.62
C ILE A 187 3.19 -4.34 8.60
N PRO A 188 4.56 -4.38 8.58
CA PRO A 188 5.22 -5.25 7.60
C PRO A 188 4.86 -6.74 7.74
N ASN A 189 4.53 -7.20 8.95
CA ASN A 189 4.03 -8.56 9.08
C ASN A 189 2.77 -8.81 8.28
N SER A 190 1.87 -7.84 8.27
CA SER A 190 0.62 -7.97 7.55
C SER A 190 0.92 -8.07 6.06
N LEU A 191 1.83 -7.23 5.58
CA LEU A 191 2.24 -7.30 4.16
C LEU A 191 2.83 -8.69 3.82
N GLU A 192 3.76 -9.16 4.66
CA GLU A 192 4.44 -10.45 4.47
C GLU A 192 3.44 -11.59 4.38
N ILE A 193 2.47 -11.60 5.29
CA ILE A 193 1.46 -12.67 5.32
C ILE A 193 0.63 -12.69 4.03
N ARG A 194 0.16 -11.51 3.61
CA ARG A 194 -0.60 -11.42 2.37
C ARG A 194 0.22 -11.98 1.21
N ARG A 195 1.51 -11.67 1.25
CA ARG A 195 2.41 -12.02 0.15
C ARG A 195 2.61 -13.55 0.06
N THR A 196 2.91 -14.15 1.20
CA THR A 196 3.05 -15.59 1.33
C THR A 196 1.76 -16.29 0.87
N PHE A 197 0.64 -15.90 1.46
CA PHE A 197 -0.60 -16.59 1.20
C PHE A 197 -1.05 -16.40 -0.27
N ALA A 198 -1.00 -15.18 -0.77
CA ALA A 198 -1.36 -14.94 -2.18
C ALA A 198 -0.44 -15.76 -3.11
N ALA A 199 0.85 -15.83 -2.78
CA ALA A 199 1.78 -16.61 -3.59
C ALA A 199 1.39 -18.08 -3.53
N ASN A 200 1.13 -18.60 -2.33
CA ASN A 200 0.67 -19.98 -2.17
C ASN A 200 -0.59 -20.32 -2.97
N LEU A 201 -1.55 -19.39 -3.00
CA LEU A 201 -2.80 -19.60 -3.74
C LEU A 201 -2.58 -19.74 -5.25
N GLU A 202 -1.63 -18.98 -5.78
CA GLU A 202 -1.42 -19.01 -7.23
C GLU A 202 -0.76 -20.31 -7.61
N LYS A 203 0.23 -20.71 -6.82
CA LYS A 203 0.95 -21.96 -7.01
C LYS A 203 -0.06 -23.10 -6.91
N ALA A 204 -0.81 -23.11 -5.81
CA ALA A 204 -1.71 -24.22 -5.52
C ALA A 204 -2.76 -24.39 -6.61
N ASN A 205 -3.26 -23.31 -7.18
CA ASN A 205 -4.33 -23.42 -8.18
C ASN A 205 -3.82 -23.97 -9.50
N LEU A 206 -2.50 -24.04 -9.65
CA LEU A 206 -1.85 -24.60 -10.85
C LEU A 206 -1.71 -26.12 -10.75
N LEU A 207 -1.72 -26.62 -9.51
CA LEU A 207 -1.70 -28.04 -9.20
C LEU A 207 -3.09 -28.67 -9.42
N PRO A 208 -3.12 -29.97 -9.75
CA PRO A 208 -4.40 -30.69 -9.88
C PRO A 208 -5.04 -30.96 -8.51
N LYS A 209 -6.38 -30.86 -8.43
CA LYS A 209 -7.11 -31.23 -7.20
C LYS A 209 -6.67 -32.56 -6.59
N GLY A 210 -6.57 -32.59 -5.26
CA GLY A 210 -6.13 -33.79 -4.58
C GLY A 210 -4.62 -33.96 -4.53
N ASP A 211 -3.89 -33.03 -5.11
CA ASP A 211 -2.43 -33.07 -4.94
C ASP A 211 -2.16 -32.66 -3.50
N PRO A 212 -1.36 -33.47 -2.77
CA PRO A 212 -1.04 -33.15 -1.37
C PRO A 212 -0.22 -31.86 -1.26
N GLU A 213 0.52 -31.51 -2.32
CA GLU A 213 1.29 -30.28 -2.28
C GLU A 213 0.34 -29.10 -2.40
N ARG A 214 -0.66 -29.25 -3.28
CA ARG A 214 -1.72 -28.26 -3.35
C ARG A 214 -2.38 -28.07 -1.99
N ARG A 215 -2.73 -29.16 -1.34
CA ARG A 215 -3.38 -29.09 -0.03
C ARG A 215 -2.47 -28.42 1.03
N ARG A 216 -1.16 -28.69 0.95
CA ARG A 216 -0.21 -28.06 1.84
C ARG A 216 -0.17 -26.53 1.62
N LEU A 217 -0.11 -26.11 0.36
CA LEU A 217 -0.06 -24.70 0.03
C LEU A 217 -1.31 -23.98 0.52
N LEU A 218 -2.44 -24.67 0.49
CA LEU A 218 -3.70 -24.06 0.88
C LEU A 218 -3.93 -24.16 2.37
N SER A 219 -2.91 -24.57 3.12
CA SER A 219 -3.14 -24.69 4.57
C SER A 219 -2.41 -23.60 5.38
N ILE A 220 -3.13 -23.05 6.36
CA ILE A 220 -2.58 -22.01 7.20
C ILE A 220 -2.58 -22.45 8.67
N VAL A 221 -1.48 -22.23 9.36
CA VAL A 221 -1.46 -22.51 10.78
C VAL A 221 -1.28 -21.22 11.57
N VAL A 222 -2.22 -21.00 12.47
CA VAL A 222 -2.16 -19.87 13.36
C VAL A 222 -1.86 -20.39 14.76
N VAL A 223 -0.68 -20.06 15.27
CA VAL A 223 -0.30 -20.52 16.62
C VAL A 223 -0.63 -19.45 17.66
N GLY A 224 -1.40 -19.82 18.67
CA GLY A 224 -1.85 -18.86 19.67
C GLY A 224 -3.36 -18.70 19.59
N GLY A 225 -4.06 -19.17 20.62
CA GLY A 225 -5.51 -19.07 20.67
C GLY A 225 -5.96 -17.91 21.52
N GLY A 226 -5.11 -16.90 21.64
CA GLY A 226 -5.52 -15.64 22.24
C GLY A 226 -6.34 -14.91 21.19
N PRO A 227 -6.88 -13.75 21.55
CA PRO A 227 -7.72 -12.97 20.62
C PRO A 227 -7.00 -12.57 19.33
N THR A 228 -5.68 -12.37 19.38
CA THR A 228 -4.92 -12.08 18.15
C THR A 228 -4.98 -13.25 17.14
N GLY A 229 -4.63 -14.45 17.61
CA GLY A 229 -4.69 -15.64 16.75
C GLY A 229 -6.10 -15.97 16.27
N VAL A 230 -7.07 -15.84 17.17
CA VAL A 230 -8.48 -16.06 16.82
C VAL A 230 -8.97 -15.11 15.72
N GLU A 231 -8.74 -13.80 15.90
CA GLU A 231 -9.16 -12.82 14.91
C GLU A 231 -8.43 -13.02 13.57
N ALA A 232 -7.13 -13.28 13.62
CA ALA A 232 -6.36 -13.60 12.43
C ALA A 232 -6.99 -14.79 11.66
N ALA A 233 -7.33 -15.83 12.42
CA ALA A 233 -7.90 -17.03 11.81
C ALA A 233 -9.25 -16.67 11.22
N GLY A 234 -10.04 -15.94 12.00
CA GLY A 234 -11.37 -15.51 11.57
C GLY A 234 -11.38 -14.63 10.33
N GLU A 235 -10.48 -13.65 10.27
CA GLU A 235 -10.40 -12.78 9.10
C GLU A 235 -9.96 -13.56 7.87
N LEU A 236 -8.98 -14.45 8.05
CA LEU A 236 -8.55 -15.27 6.92
C LEU A 236 -9.71 -16.10 6.41
N GLN A 237 -10.47 -16.70 7.34
CA GLN A 237 -11.59 -17.52 6.92
C GLN A 237 -12.64 -16.67 6.20
N ASP A 238 -12.85 -15.45 6.71
CA ASP A 238 -13.76 -14.52 6.04
C ASP A 238 -13.31 -14.27 4.61
N TYR A 239 -12.01 -14.07 4.42
CA TYR A 239 -11.52 -13.76 3.08
C TYR A 239 -11.78 -14.94 2.15
N VAL A 240 -11.45 -16.14 2.64
CA VAL A 240 -11.56 -17.36 1.85
C VAL A 240 -13.03 -17.65 1.47
N HIS A 241 -13.93 -17.49 2.44
CA HIS A 241 -15.32 -17.85 2.24
C HIS A 241 -16.11 -16.80 1.49
N GLN A 242 -15.83 -15.51 1.76
CA GLN A 242 -16.61 -14.42 1.18
C GLN A 242 -16.09 -13.94 -0.17
N ASP A 243 -14.78 -14.01 -0.38
CA ASP A 243 -14.19 -13.39 -1.56
C ASP A 243 -13.61 -14.42 -2.52
N LEU A 244 -12.59 -15.14 -2.06
CA LEU A 244 -11.91 -16.15 -2.85
C LEU A 244 -12.90 -17.09 -3.48
N ARG A 245 -13.86 -17.55 -2.68
CA ARG A 245 -14.92 -18.47 -3.14
C ARG A 245 -15.73 -17.94 -4.36
N LYS A 246 -15.81 -16.61 -4.51
CA LYS A 246 -16.54 -16.02 -5.64
C LYS A 246 -15.88 -16.30 -7.00
N PHE A 247 -14.57 -16.49 -7.03
CA PHE A 247 -13.96 -16.70 -8.34
C PHE A 247 -13.15 -18.00 -8.47
N LEU A 248 -12.77 -18.58 -7.35
CA LEU A 248 -12.15 -19.90 -7.34
C LEU A 248 -12.73 -20.76 -6.22
N PRO A 249 -14.02 -21.11 -6.34
CA PRO A 249 -14.76 -21.84 -5.31
C PRO A 249 -14.09 -23.15 -4.91
N ALA A 250 -13.50 -23.85 -5.88
CA ALA A 250 -12.89 -25.14 -5.58
C ALA A 250 -11.60 -24.96 -4.76
N LEU A 251 -10.85 -23.92 -5.09
CA LEU A 251 -9.69 -23.53 -4.30
C LEU A 251 -10.10 -23.13 -2.88
N ALA A 252 -11.12 -22.28 -2.76
CA ALA A 252 -11.59 -21.85 -1.46
C ALA A 252 -11.98 -23.04 -0.59
N GLU A 253 -12.66 -24.02 -1.20
CA GLU A 253 -13.11 -25.20 -0.48
C GLU A 253 -11.94 -25.96 0.12
N GLU A 254 -10.84 -26.08 -0.63
CA GLU A 254 -9.68 -26.84 -0.12
C GLU A 254 -8.81 -26.15 0.95
N VAL A 255 -8.93 -24.85 1.15
CA VAL A 255 -8.06 -24.27 2.16
C VAL A 255 -8.44 -24.77 3.56
N GLN A 256 -7.43 -24.98 4.39
CA GLN A 256 -7.64 -25.42 5.77
C GLN A 256 -6.85 -24.52 6.72
N ILE A 257 -7.57 -23.83 7.60
CA ILE A 257 -6.90 -23.00 8.60
C ILE A 257 -6.84 -23.76 9.93
N HIS A 258 -5.68 -23.76 10.57
CA HIS A 258 -5.56 -24.43 11.87
C HIS A 258 -5.26 -23.39 12.91
N LEU A 259 -5.95 -23.49 14.04
CA LEU A 259 -5.63 -22.70 15.22
C LEU A 259 -5.01 -23.65 16.26
N VAL A 260 -3.78 -23.38 16.67
CA VAL A 260 -3.08 -24.25 17.61
C VAL A 260 -2.91 -23.54 18.96
N GLU A 261 -3.45 -24.14 20.02
CA GLU A 261 -3.40 -23.52 21.35
C GLU A 261 -2.96 -24.51 22.44
N ALA A 262 -2.03 -24.09 23.30
CA ALA A 262 -1.43 -25.00 24.29
C ALA A 262 -2.29 -25.27 25.53
N LEU A 263 -3.11 -24.30 25.91
CA LEU A 263 -4.09 -24.47 26.98
C LEU A 263 -5.29 -25.33 26.49
N PRO A 264 -6.17 -25.74 27.43
CA PRO A 264 -7.33 -26.56 27.03
C PRO A 264 -8.48 -25.75 26.44
N ILE A 265 -8.44 -24.43 26.54
CA ILE A 265 -9.48 -23.57 25.94
C ILE A 265 -8.88 -22.42 25.16
N VAL A 266 -9.60 -21.90 24.17
CA VAL A 266 -9.16 -20.67 23.50
C VAL A 266 -9.75 -19.51 24.28
N LEU A 267 -9.20 -18.31 24.07
CA LEU A 267 -9.71 -17.10 24.69
C LEU A 267 -9.93 -17.23 26.20
N ASN A 268 -8.92 -17.72 26.91
CA ASN A 268 -9.08 -18.03 28.34
C ASN A 268 -9.33 -16.84 29.26
N MET A 269 -9.09 -15.63 28.78
CA MET A 269 -9.41 -14.42 29.56
C MET A 269 -10.92 -14.15 29.64
N PHE A 270 -11.71 -14.80 28.78
CA PHE A 270 -13.19 -14.68 28.83
C PHE A 270 -13.81 -15.75 29.71
N GLU A 271 -15.07 -15.54 30.11
CA GLU A 271 -15.86 -16.61 30.73
C GLU A 271 -15.81 -17.89 29.89
N LYS A 272 -15.71 -19.02 30.57
CA LYS A 272 -15.65 -20.33 29.93
C LYS A 272 -16.73 -20.54 28.85
N LYS A 273 -17.93 -19.99 29.08
CA LYS A 273 -19.01 -20.27 28.14
C LYS A 273 -18.87 -19.48 26.85
N LEU A 274 -18.27 -18.29 26.93
CA LEU A 274 -17.94 -17.52 25.73
C LEU A 274 -16.83 -18.22 24.93
N SER A 275 -15.82 -18.75 25.63
CA SER A 275 -14.78 -19.56 24.97
C SER A 275 -15.33 -20.76 24.21
N SER A 276 -16.39 -21.40 24.72
CA SER A 276 -16.92 -22.57 24.05
C SER A 276 -17.70 -22.14 22.83
N TYR A 277 -18.49 -21.07 22.99
CA TYR A 277 -19.21 -20.44 21.89
C TYR A 277 -18.23 -20.11 20.75
N ALA A 278 -17.12 -19.46 21.10
CA ALA A 278 -16.14 -19.09 20.10
C ALA A 278 -15.59 -20.32 19.41
N GLN A 279 -15.22 -21.34 20.19
CA GLN A 279 -14.63 -22.53 19.61
C GLN A 279 -15.58 -23.24 18.65
N SER A 280 -16.83 -23.40 19.07
CA SER A 280 -17.83 -24.03 18.21
C SER A 280 -18.04 -23.19 16.95
N HIS A 281 -18.11 -21.87 17.11
CA HIS A 281 -18.27 -20.99 15.94
C HIS A 281 -17.11 -21.17 14.95
N LEU A 282 -15.88 -21.08 15.46
CA LEU A 282 -14.70 -21.24 14.61
C LEU A 282 -14.75 -22.58 13.85
N GLU A 283 -15.13 -23.65 14.54
CA GLU A 283 -15.19 -24.98 13.93
C GLU A 283 -16.29 -25.02 12.89
N ASN A 284 -17.38 -24.33 13.20
CA ASN A 284 -18.49 -24.26 12.25
C ASN A 284 -18.11 -23.52 10.95
N THR A 285 -17.11 -22.62 11.01
CA THR A 285 -16.70 -21.88 9.80
C THR A 285 -15.64 -22.66 9.03
N SER A 286 -15.27 -23.81 9.60
CA SER A 286 -14.33 -24.82 9.04
C SER A 286 -12.89 -24.70 9.54
N ILE A 287 -12.71 -23.87 10.57
CA ILE A 287 -11.39 -23.80 11.19
C ILE A 287 -11.15 -25.02 12.08
N LYS A 288 -9.95 -25.58 12.04
CA LYS A 288 -9.67 -26.74 12.86
C LYS A 288 -8.91 -26.29 14.11
N VAL A 289 -9.52 -26.52 15.27
CA VAL A 289 -8.96 -26.04 16.53
C VAL A 289 -8.23 -27.16 17.30
N HIS A 290 -6.93 -26.99 17.53
CA HIS A 290 -6.11 -27.97 18.26
C HIS A 290 -5.82 -27.47 19.67
N LEU A 291 -6.56 -27.97 20.65
CA LEU A 291 -6.30 -27.57 22.04
C LEU A 291 -5.26 -28.47 22.69
N ARG A 292 -4.81 -28.05 23.88
CA ARG A 292 -3.76 -28.74 24.65
C ARG A 292 -2.56 -29.09 23.79
N THR A 293 -2.26 -28.23 22.82
CA THR A 293 -1.31 -28.58 21.78
C THR A 293 -0.27 -27.48 21.64
N ALA A 294 1.00 -27.87 21.54
CA ALA A 294 2.08 -26.90 21.44
C ALA A 294 2.93 -27.22 20.21
N VAL A 295 3.44 -26.18 19.56
CA VAL A 295 4.34 -26.40 18.44
C VAL A 295 5.71 -26.63 19.03
N ALA A 296 6.35 -27.75 18.64
CA ALA A 296 7.62 -28.17 19.22
C ALA A 296 8.79 -27.78 18.34
N LYS A 297 8.53 -27.73 17.03
CA LYS A 297 9.58 -27.48 16.07
C LYS A 297 8.97 -27.08 14.73
N VAL A 298 9.56 -26.07 14.08
CA VAL A 298 9.04 -25.60 12.81
C VAL A 298 10.07 -25.77 11.72
N GLU A 299 9.69 -26.47 10.66
CA GLU A 299 10.54 -26.53 9.46
C GLU A 299 9.90 -25.72 8.34
N GLU A 300 10.55 -25.69 7.19
CA GLU A 300 10.07 -24.90 6.06
C GLU A 300 8.69 -25.30 5.55
N LYS A 301 8.35 -26.60 5.54
CA LYS A 301 7.06 -27.01 4.95
C LYS A 301 6.20 -27.82 5.87
N GLN A 302 6.69 -28.06 7.07
CA GLN A 302 5.89 -28.80 8.04
C GLN A 302 6.32 -28.37 9.41
N LEU A 303 5.49 -28.69 10.41
CA LEU A 303 5.83 -28.42 11.79
C LEU A 303 5.34 -29.56 12.68
N LEU A 304 5.95 -29.64 13.84
CA LEU A 304 5.66 -30.71 14.77
C LEU A 304 4.81 -30.19 15.91
N ALA A 305 3.64 -30.77 16.07
CA ALA A 305 2.74 -30.37 17.13
C ALA A 305 2.50 -31.54 18.11
N LYS A 306 2.66 -31.25 19.40
CA LYS A 306 2.45 -32.23 20.44
C LYS A 306 1.23 -31.89 21.27
N THR A 307 0.38 -32.88 21.48
CA THR A 307 -0.81 -32.68 22.29
C THR A 307 -0.60 -33.41 23.62
N LYS A 308 -0.76 -32.67 24.71
CA LYS A 308 -0.69 -33.24 26.05
C LYS A 308 -2.13 -33.42 26.52
N HIS A 309 -2.64 -34.66 26.39
CA HIS A 309 -4.02 -34.95 26.75
C HIS A 309 -4.28 -34.86 28.25
N GLU A 310 -5.55 -34.89 28.64
CA GLU A 310 -5.86 -34.65 30.04
C GLU A 310 -5.42 -35.79 30.96
N ASP A 311 -5.48 -37.02 30.43
CA ASP A 311 -5.03 -38.22 31.15
C ASP A 311 -3.51 -38.25 31.37
N GLY A 312 -2.78 -37.42 30.62
CA GLY A 312 -1.34 -37.32 30.77
C GLY A 312 -0.54 -37.79 29.56
N LYS A 313 -1.15 -38.61 28.72
CA LYS A 313 -0.45 -39.12 27.53
C LYS A 313 -0.17 -38.02 26.50
N ILE A 314 0.88 -38.22 25.72
CA ILE A 314 1.35 -37.24 24.77
C ILE A 314 1.42 -37.82 23.37
N THR A 315 0.64 -37.25 22.45
CA THR A 315 0.70 -37.68 21.06
C THR A 315 1.40 -36.59 20.26
N GLU A 316 1.78 -36.92 19.02
CA GLU A 316 2.42 -35.93 18.19
C GLU A 316 1.99 -36.09 16.73
N GLU A 317 1.89 -34.95 16.04
CA GLU A 317 1.40 -34.93 14.66
C GLU A 317 2.30 -33.98 13.91
N THR A 318 2.71 -34.39 12.72
CA THR A 318 3.45 -33.51 11.83
C THR A 318 2.42 -32.84 10.92
N ILE A 319 2.43 -31.51 10.90
CA ILE A 319 1.44 -30.75 10.10
C ILE A 319 2.11 -29.98 8.95
N PRO A 320 1.84 -30.41 7.71
CA PRO A 320 2.31 -29.65 6.53
C PRO A 320 1.57 -28.32 6.53
N TYR A 321 2.25 -27.21 6.25
CA TYR A 321 1.61 -25.88 6.23
C TYR A 321 2.21 -25.03 5.10
N GLY A 322 1.39 -24.15 4.53
CA GLY A 322 1.85 -23.20 3.53
C GLY A 322 2.21 -21.87 4.22
N THR A 323 1.39 -21.50 5.20
CA THR A 323 1.54 -20.21 5.84
C THR A 323 1.47 -20.38 7.33
N LEU A 324 2.50 -19.90 8.02
CA LEU A 324 2.48 -19.99 9.48
C LEU A 324 2.45 -18.59 10.13
N ILE A 325 1.49 -18.39 11.02
CA ILE A 325 1.34 -17.12 11.68
C ILE A 325 1.50 -17.35 13.15
N TRP A 326 2.48 -16.67 13.74
CA TRP A 326 2.89 -16.92 15.12
C TRP A 326 2.42 -15.78 16.03
N ALA A 327 1.32 -16.01 16.73
CA ALA A 327 0.64 -14.97 17.46
C ALA A 327 0.61 -15.27 18.96
N THR A 328 1.69 -15.82 19.47
CA THR A 328 1.78 -16.03 20.90
C THR A 328 2.83 -15.14 21.52
N GLY A 329 2.45 -14.48 22.61
CA GLY A 329 3.38 -13.92 23.58
C GLY A 329 4.45 -12.93 23.17
N ASN A 330 4.82 -12.07 24.12
CA ASN A 330 5.89 -11.12 23.91
C ASN A 330 6.97 -11.27 24.97
N LYS A 331 8.17 -10.80 24.65
CA LYS A 331 9.25 -10.79 25.62
C LYS A 331 9.90 -9.39 25.63
N ALA A 332 10.64 -9.07 26.69
CA ALA A 332 11.25 -7.74 26.83
C ALA A 332 12.29 -7.44 25.75
N ARG A 333 12.45 -6.16 25.41
CA ARG A 333 13.38 -5.77 24.36
C ARG A 333 14.82 -5.65 24.89
N PRO A 334 15.81 -5.78 23.98
CA PRO A 334 17.20 -5.74 24.44
C PRO A 334 17.53 -4.42 25.12
N VAL A 335 16.98 -3.32 24.63
CA VAL A 335 17.29 -2.03 25.25
C VAL A 335 16.83 -2.02 26.70
N ILE A 336 15.77 -2.81 26.97
CA ILE A 336 15.16 -2.87 28.28
C ILE A 336 15.88 -3.87 29.19
N THR A 337 16.24 -5.02 28.65
CA THR A 337 16.99 -5.98 29.44
C THR A 337 18.37 -5.44 29.85
N ASP A 338 19.00 -4.68 28.96
CA ASP A 338 20.27 -4.02 29.31
C ASP A 338 20.06 -3.08 30.48
N LEU A 339 18.97 -2.33 30.46
CA LEU A 339 18.68 -1.41 31.54
C LEU A 339 18.54 -2.17 32.87
N PHE A 340 18.08 -3.42 32.82
CA PHE A 340 17.93 -4.26 34.03
C PHE A 340 19.25 -4.35 34.78
N LYS A 341 20.34 -4.52 34.03
CA LYS A 341 21.69 -4.64 34.58
C LYS A 341 22.27 -3.33 35.16
N LYS A 342 21.90 -2.21 34.56
CA LYS A 342 22.41 -0.90 34.95
C LYS A 342 21.75 -0.32 36.19
N ILE A 343 20.66 -0.93 36.65
CA ILE A 343 19.97 -0.45 37.86
C ILE A 343 19.83 -1.63 38.83
N PRO A 344 20.43 -1.50 40.02
CA PRO A 344 20.46 -2.56 41.04
C PRO A 344 19.06 -3.10 41.37
N GLU A 345 18.13 -2.19 41.69
CA GLU A 345 16.75 -2.52 42.05
C GLU A 345 16.02 -3.29 40.93
N GLN A 346 16.66 -3.37 39.78
CA GLN A 346 16.05 -3.84 38.55
C GLN A 346 16.74 -5.13 38.07
N ASN A 347 17.76 -5.57 38.81
CA ASN A 347 18.54 -6.75 38.42
C ASN A 347 17.72 -8.05 38.42
N SER A 348 16.65 -8.08 39.21
CA SER A 348 15.80 -9.27 39.33
C SER A 348 14.57 -9.24 38.38
N SER A 349 14.51 -8.24 37.51
CA SER A 349 13.41 -8.08 36.55
C SER A 349 13.50 -9.05 35.37
N LYS A 350 12.35 -9.51 34.87
CA LYS A 350 12.36 -10.47 33.75
C LYS A 350 11.36 -10.10 32.63
N ARG A 351 10.10 -9.84 33.00
CA ARG A 351 9.07 -9.45 32.04
C ARG A 351 9.21 -8.02 31.56
N GLY A 352 9.55 -7.10 32.46
CA GLY A 352 9.64 -5.69 32.14
C GLY A 352 10.20 -4.90 33.31
N LEU A 353 10.36 -3.60 33.13
CA LEU A 353 10.82 -2.75 34.22
C LEU A 353 9.81 -2.79 35.38
N ALA A 354 10.31 -2.93 36.60
CA ALA A 354 9.46 -2.85 37.79
C ALA A 354 9.28 -1.38 38.19
N VAL A 355 8.02 -1.00 38.39
CA VAL A 355 7.66 0.38 38.71
C VAL A 355 6.92 0.46 40.04
N ASN A 356 6.88 1.65 40.63
CA ASN A 356 6.17 1.86 41.89
C ASN A 356 4.73 2.29 41.65
N ASP A 357 4.05 2.70 42.72
CA ASP A 357 2.66 3.15 42.63
C ASP A 357 2.46 4.29 41.63
N PHE A 358 3.54 5.00 41.31
CA PHE A 358 3.44 6.19 40.48
C PHE A 358 4.06 5.98 39.09
N LEU A 359 4.27 4.70 38.74
CA LEU A 359 4.82 4.27 37.44
C LEU A 359 6.26 4.73 37.25
N GLN A 360 6.90 5.04 38.38
CA GLN A 360 8.30 5.44 38.39
C GLN A 360 9.14 4.18 38.42
N VAL A 361 10.17 4.12 37.57
CA VAL A 361 11.02 2.93 37.53
C VAL A 361 11.79 2.84 38.85
N LYS A 362 11.76 1.66 39.47
CA LYS A 362 12.41 1.47 40.76
C LYS A 362 13.94 1.64 40.67
N GLY A 363 14.49 2.50 41.54
CA GLY A 363 15.92 2.71 41.55
C GLY A 363 16.33 3.83 40.63
N SER A 364 15.33 4.62 40.22
CA SER A 364 15.52 5.75 39.33
C SER A 364 14.59 6.84 39.85
N ASN A 365 15.02 8.09 39.80
CA ASN A 365 14.11 9.14 40.24
C ASN A 365 13.58 9.99 39.10
N ASN A 366 14.00 9.69 37.87
CA ASN A 366 13.48 10.45 36.73
C ASN A 366 13.07 9.62 35.50
N ILE A 367 13.10 8.29 35.62
CA ILE A 367 12.62 7.42 34.54
C ILE A 367 11.28 6.77 34.90
N PHE A 368 10.34 6.89 33.97
CA PHE A 368 9.03 6.27 34.13
C PHE A 368 8.84 5.23 33.03
N ALA A 369 8.06 4.20 33.32
CA ALA A 369 7.79 3.16 32.33
C ALA A 369 6.32 2.79 32.33
N ILE A 370 5.71 2.79 31.14
CA ILE A 370 4.29 2.42 30.94
C ILE A 370 4.15 1.44 29.79
N GLY A 371 3.02 0.71 29.71
CA GLY A 371 2.82 -0.25 28.64
C GLY A 371 3.58 -1.56 28.88
N ASP A 372 3.72 -2.35 27.82
CA ASP A 372 4.33 -3.67 27.90
C ASP A 372 5.81 -3.70 28.34
N ASN A 373 6.53 -2.58 28.28
CA ASN A 373 7.91 -2.60 28.73
C ASN A 373 8.01 -2.46 30.25
N ALA A 374 6.84 -2.26 30.87
CA ALA A 374 6.75 -2.19 32.33
C ALA A 374 5.91 -3.35 32.87
N PHE A 375 6.35 -3.84 34.03
CA PHE A 375 5.60 -4.86 34.73
C PHE A 375 5.11 -4.37 36.09
N ALA A 376 3.80 -4.49 36.29
CA ALA A 376 3.17 -4.03 37.51
C ALA A 376 2.12 -5.05 37.94
N GLY A 377 2.21 -6.26 37.37
CA GLY A 377 1.25 -7.31 37.64
C GLY A 377 -0.03 -7.23 36.80
N LEU A 378 -0.16 -6.15 36.05
CA LEU A 378 -1.27 -5.94 35.11
C LEU A 378 -1.02 -6.68 33.78
N PRO A 379 -2.10 -6.96 33.03
CA PRO A 379 -1.96 -7.59 31.70
C PRO A 379 -1.31 -6.63 30.70
N PRO A 380 -0.60 -7.20 29.72
CA PRO A 380 0.06 -6.49 28.61
C PRO A 380 -0.96 -6.19 27.51
N THR A 381 -1.78 -5.17 27.74
CA THR A 381 -2.80 -4.75 26.79
C THR A 381 -2.72 -3.25 26.49
N ALA A 382 -3.35 -2.83 25.41
CA ALA A 382 -3.45 -1.41 25.07
C ALA A 382 -4.26 -0.71 26.13
N GLN A 383 -5.23 -1.43 26.69
CA GLN A 383 -6.13 -0.85 27.69
C GLN A 383 -5.31 -0.35 28.89
N VAL A 384 -4.41 -1.19 29.37
CA VAL A 384 -3.56 -0.82 30.49
C VAL A 384 -2.58 0.29 30.06
N ALA A 385 -2.01 0.15 28.87
CA ALA A 385 -1.01 1.12 28.42
C ALA A 385 -1.67 2.49 28.32
N HIS A 386 -2.88 2.53 27.76
CA HIS A 386 -3.60 3.78 27.60
C HIS A 386 -3.97 4.42 28.96
N GLN A 387 -4.37 3.60 29.93
CA GLN A 387 -4.75 4.14 31.24
C GLN A 387 -3.55 4.69 32.00
N GLU A 388 -2.44 3.93 31.96
CA GLU A 388 -1.19 4.35 32.58
C GLU A 388 -0.72 5.68 31.97
N ALA A 389 -0.78 5.78 30.65
CA ALA A 389 -0.31 7.00 29.96
C ALA A 389 -1.06 8.22 30.44
N GLU A 390 -2.39 8.09 30.48
CA GLU A 390 -3.25 9.20 30.84
C GLU A 390 -3.04 9.57 32.32
N TYR A 391 -2.93 8.55 33.18
CA TYR A 391 -2.58 8.78 34.58
C TYR A 391 -1.25 9.56 34.70
N LEU A 392 -0.20 9.07 34.02
CA LEU A 392 1.12 9.66 34.15
C LEU A 392 1.15 11.13 33.67
N ALA A 393 0.37 11.43 32.64
CA ALA A 393 0.36 12.77 32.07
C ALA A 393 -0.35 13.72 33.02
N LYS A 394 -1.34 13.19 33.75
CA LYS A 394 -2.02 13.97 34.75
C LYS A 394 -1.06 14.26 35.93
N ASN A 395 -0.32 13.24 36.38
CA ASN A 395 0.71 13.47 37.40
C ASN A 395 1.70 14.58 36.99
N PHE A 396 2.02 14.63 35.70
CA PHE A 396 2.96 15.63 35.20
C PHE A 396 2.33 17.02 35.23
N ASP A 397 1.00 17.09 35.10
CA ASP A 397 0.26 18.33 35.38
C ASP A 397 0.52 18.83 36.82
N LYS A 398 0.45 17.93 37.80
CA LYS A 398 0.59 18.29 39.21
C LYS A 398 2.02 18.65 39.59
N MET A 399 2.99 17.86 39.12
CA MET A 399 4.41 18.20 39.30
C MET A 399 4.73 19.61 38.77
N ALA A 400 3.93 20.10 37.84
CA ALA A 400 4.15 21.43 37.26
C ALA A 400 3.61 22.56 38.12
N GLN A 401 2.89 22.20 39.19
CA GLN A 401 2.39 23.19 40.15
C GLN A 401 3.23 23.19 41.44
N ILE A 402 4.03 22.13 41.60
CA ILE A 402 4.89 21.96 42.76
C ILE A 402 6.36 22.21 42.38
N PRO A 403 6.90 23.39 42.73
CA PRO A 403 8.24 23.86 42.35
C PRO A 403 9.39 22.93 42.73
N ASN A 404 9.21 22.11 43.77
CA ASN A 404 10.28 21.25 44.30
C ASN A 404 10.70 20.07 43.41
N PHE A 405 9.75 19.55 42.63
CA PHE A 405 9.99 18.45 41.69
C PHE A 405 11.09 18.76 40.70
N GLN A 406 10.90 19.86 39.97
CA GLN A 406 11.83 20.35 38.97
C GLN A 406 13.16 20.78 39.61
N LYS A 407 13.13 21.01 40.92
CA LYS A 407 14.33 21.35 41.69
C LYS A 407 15.11 20.11 42.11
N ASN A 408 14.41 19.03 42.45
CA ASN A 408 15.09 17.77 42.77
C ASN A 408 15.84 17.18 41.56
N LEU A 409 15.50 17.67 40.37
CA LEU A 409 16.24 17.40 39.13
C LEU A 409 17.74 17.70 39.30
N SER A 410 18.04 18.94 39.71
CA SER A 410 19.41 19.41 39.91
C SER A 410 20.02 18.99 41.25
N SER A 411 19.14 18.75 42.23
CA SER A 411 19.56 18.32 43.58
C SER A 411 20.42 17.04 43.54
N ARG A 412 21.17 16.84 44.61
CA ARG A 412 22.07 15.70 44.69
C ARG A 412 21.31 14.44 45.08
N LYS A 413 20.16 14.62 45.73
CA LYS A 413 19.41 13.51 46.30
C LYS A 413 18.19 13.07 45.46
N ASP A 414 18.10 11.77 45.22
CA ASP A 414 16.90 11.16 44.64
C ASP A 414 15.75 11.30 45.65
N LYS A 415 14.91 12.32 45.43
CA LYS A 415 13.86 12.66 46.39
C LYS A 415 12.46 12.56 45.76
N ILE A 416 12.42 12.32 44.44
CA ILE A 416 11.15 12.27 43.70
C ILE A 416 10.20 11.13 44.17
N ASP A 417 10.77 9.99 44.58
CA ASP A 417 9.99 8.92 45.23
C ASP A 417 9.21 9.43 46.45
N LEU A 418 9.92 10.08 47.37
CA LEU A 418 9.30 10.67 48.55
C LEU A 418 8.28 11.74 48.16
N LEU A 419 8.63 12.54 47.15
CA LEU A 419 7.83 13.70 46.77
C LEU A 419 6.38 13.39 46.35
N PHE A 420 6.17 12.18 45.82
CA PHE A 420 4.82 11.73 45.44
C PHE A 420 3.94 11.43 46.66
N GLU A 421 4.47 10.66 47.59
CA GLU A 421 3.75 10.40 48.83
C GLU A 421 3.58 11.68 49.64
N GLU A 422 4.63 12.51 49.64
CA GLU A 422 4.62 13.78 50.35
C GLU A 422 3.46 14.69 49.93
N ASN A 423 3.27 14.85 48.63
CA ASN A 423 2.19 15.70 48.12
C ASN A 423 0.89 14.93 47.89
N ASN A 424 0.85 13.72 48.39
CA ASN A 424 -0.36 12.90 48.33
C ASN A 424 -0.96 12.75 46.92
N PHE A 425 -0.10 12.38 45.98
CA PHE A 425 -0.51 11.90 44.67
C PHE A 425 -1.17 10.54 44.91
N LYS A 426 -2.29 10.29 44.26
CA LYS A 426 -2.86 8.95 44.33
C LYS A 426 -2.06 8.01 43.43
N PRO A 427 -1.82 6.78 43.89
CA PRO A 427 -1.21 5.72 43.06
C PRO A 427 -2.06 5.36 41.85
N PHE A 428 -1.43 4.84 40.80
CA PHE A 428 -2.17 4.43 39.62
C PHE A 428 -3.07 3.23 39.97
N LYS A 429 -4.36 3.35 39.67
CA LYS A 429 -5.30 2.22 39.81
C LYS A 429 -5.91 1.84 38.45
N TYR A 430 -5.63 0.63 37.97
CA TYR A 430 -6.18 0.15 36.71
C TYR A 430 -7.66 -0.23 36.84
N ASN A 431 -8.47 0.25 35.90
CA ASN A 431 -9.89 -0.15 35.78
C ASN A 431 -10.12 -1.01 34.55
N ASP A 432 -10.26 -2.32 34.75
CA ASP A 432 -10.62 -3.22 33.64
C ASP A 432 -11.98 -2.90 33.03
N LEU A 433 -11.99 -2.61 31.74
CA LEU A 433 -13.23 -2.30 31.03
C LEU A 433 -13.74 -3.51 30.23
N GLY A 434 -13.04 -4.63 30.33
CA GLY A 434 -13.45 -5.84 29.62
C GLY A 434 -12.57 -6.21 28.44
N ALA A 435 -13.18 -6.84 27.44
CA ALA A 435 -12.45 -7.42 26.31
C ALA A 435 -13.42 -7.81 25.21
N LEU A 436 -12.94 -7.89 23.96
CA LEU A 436 -13.73 -8.18 22.77
C LEU A 436 -12.93 -9.10 21.86
N ALA A 437 -13.61 -9.93 21.07
CA ALA A 437 -12.90 -10.77 20.10
C ALA A 437 -13.79 -11.05 18.87
N TYR A 438 -13.36 -10.65 17.68
CA TYR A 438 -14.10 -10.99 16.45
C TYR A 438 -13.80 -12.44 16.12
N LEU A 439 -14.77 -13.16 15.56
CA LEU A 439 -14.59 -14.61 15.37
C LEU A 439 -14.73 -15.01 13.89
N GLY A 440 -14.94 -14.03 13.02
CA GLY A 440 -15.18 -14.36 11.63
C GLY A 440 -16.68 -14.50 11.42
N SER A 441 -17.12 -14.46 10.17
CA SER A 441 -18.54 -14.61 9.81
C SER A 441 -19.54 -13.79 10.67
N GLU A 442 -19.20 -12.52 10.92
CA GLU A 442 -20.12 -11.59 11.55
C GLU A 442 -20.55 -12.01 12.98
N ARG A 443 -19.69 -12.75 13.69
CA ARG A 443 -19.92 -13.04 15.12
C ARG A 443 -18.77 -12.51 15.97
N ALA A 444 -19.07 -12.01 17.15
CA ALA A 444 -18.03 -11.58 18.09
C ALA A 444 -18.45 -11.96 19.50
N ILE A 445 -17.51 -11.95 20.45
CA ILE A 445 -17.89 -12.06 21.86
C ILE A 445 -17.40 -10.79 22.53
N ALA A 446 -18.03 -10.42 23.61
CA ALA A 446 -17.69 -9.17 24.26
C ALA A 446 -18.09 -9.21 25.73
N THR A 447 -17.32 -8.55 26.57
CA THR A 447 -17.67 -8.37 27.97
C THR A 447 -17.25 -6.96 28.30
N ILE A 448 -18.21 -6.12 28.66
CA ILE A 448 -17.93 -4.73 28.96
C ILE A 448 -18.20 -4.50 30.43
N ARG A 449 -17.29 -3.81 31.11
CA ARG A 449 -17.46 -3.63 32.54
C ARG A 449 -16.80 -2.37 33.02
N SER A 450 -17.00 -2.08 34.30
CA SER A 450 -16.27 -1.01 34.97
C SER A 450 -16.36 -1.27 36.46
N GLY A 451 -15.20 -1.44 37.09
CA GLY A 451 -15.16 -1.85 38.48
C GLY A 451 -15.73 -3.25 38.61
N LYS A 452 -16.77 -3.38 39.43
CA LYS A 452 -17.38 -4.69 39.67
C LYS A 452 -18.64 -4.89 38.81
N ARG A 453 -19.10 -3.82 38.18
CA ARG A 453 -20.30 -3.87 37.37
C ARG A 453 -20.07 -4.37 35.93
N THR A 454 -20.81 -5.41 35.54
CA THR A 454 -20.82 -5.91 34.16
C THR A 454 -22.02 -5.33 33.40
N PHE A 455 -21.77 -4.65 32.27
CA PHE A 455 -22.84 -4.01 31.50
C PHE A 455 -23.26 -4.85 30.31
N TYR A 456 -22.36 -5.69 29.83
CA TYR A 456 -22.65 -6.47 28.64
C TYR A 456 -21.71 -7.66 28.70
N THR A 457 -22.20 -8.83 28.33
CA THR A 457 -21.36 -10.01 28.24
C THR A 457 -22.08 -11.12 27.46
N GLY A 458 -21.55 -11.47 26.30
CA GLY A 458 -22.20 -12.44 25.43
C GLY A 458 -21.57 -12.45 24.05
N GLY A 459 -22.12 -13.27 23.16
CA GLY A 459 -21.66 -13.37 21.79
C GLY A 459 -22.79 -13.28 20.80
N GLY A 460 -22.48 -13.24 19.51
CA GLY A 460 -23.52 -13.12 18.50
C GLY A 460 -23.39 -12.03 17.44
N LEU A 461 -24.44 -11.89 16.63
CA LEU A 461 -24.46 -11.02 15.48
C LEU A 461 -24.44 -9.57 15.92
N MET A 462 -25.30 -9.23 16.87
CA MET A 462 -25.27 -7.87 17.41
C MET A 462 -23.96 -7.55 18.15
N THR A 463 -23.39 -8.54 18.83
CA THR A 463 -22.11 -8.37 19.48
C THR A 463 -21.03 -7.95 18.47
N PHE A 464 -21.13 -8.47 17.25
CA PHE A 464 -20.25 -8.07 16.14
C PHE A 464 -20.38 -6.59 15.76
N TYR A 465 -21.61 -6.12 15.61
CA TYR A 465 -21.84 -4.69 15.40
C TYR A 465 -21.32 -3.85 16.55
N LEU A 466 -21.50 -4.34 17.78
CA LEU A 466 -20.97 -3.61 18.93
C LEU A 466 -19.44 -3.54 18.82
N TRP A 467 -18.84 -4.67 18.49
CA TRP A 467 -17.40 -4.76 18.27
C TRP A 467 -16.90 -3.67 17.32
N ARG A 468 -17.57 -3.48 16.20
CA ARG A 468 -17.21 -2.44 15.25
C ARG A 468 -17.33 -1.03 15.81
N ILE A 469 -18.48 -0.71 16.39
CA ILE A 469 -18.74 0.62 16.92
C ILE A 469 -17.74 0.94 18.03
N LEU A 470 -17.49 -0.02 18.90
CA LEU A 470 -16.52 0.16 19.98
C LEU A 470 -15.08 0.38 19.50
N TYR A 471 -14.60 -0.44 18.56
CA TYR A 471 -13.22 -0.26 18.06
C TYR A 471 -13.05 1.08 17.36
N LEU A 472 -14.06 1.47 16.59
CA LEU A 472 -14.09 2.78 15.95
C LEU A 472 -13.94 3.89 16.99
N SER A 473 -14.61 3.74 18.14
CA SER A 473 -14.51 4.71 19.23
C SER A 473 -13.12 4.80 19.85
N MET A 474 -12.41 3.67 19.93
CA MET A 474 -11.10 3.66 20.56
C MET A 474 -9.95 4.14 19.63
N ILE A 475 -10.24 4.34 18.34
CA ILE A 475 -9.23 4.88 17.43
C ILE A 475 -8.77 6.29 17.94
N LEU A 476 -7.46 6.56 17.91
CA LEU A 476 -6.93 7.79 18.48
C LEU A 476 -6.97 9.05 17.57
N SER A 477 -7.36 8.88 16.32
CA SER A 477 -7.36 10.02 15.40
C SER A 477 -8.60 10.01 14.51
N ALA A 478 -9.10 11.20 14.21
CA ALA A 478 -10.25 11.37 13.30
C ALA A 478 -10.01 10.76 11.91
N ARG A 479 -8.80 10.96 11.38
CA ARG A 479 -8.44 10.51 10.04
C ARG A 479 -8.50 8.99 9.96
N SER A 480 -7.80 8.34 10.88
CA SER A 480 -7.80 6.87 10.92
C SER A 480 -9.21 6.34 11.13
N ARG A 481 -9.98 7.00 11.99
CA ARG A 481 -11.38 6.63 12.21
C ARG A 481 -12.23 6.68 10.92
N LEU A 482 -12.11 7.77 10.17
CA LEU A 482 -12.82 7.89 8.90
C LEU A 482 -12.42 6.81 7.90
N LYS A 483 -11.12 6.57 7.80
CA LYS A 483 -10.58 5.60 6.87
C LYS A 483 -11.03 4.16 7.15
N VAL A 484 -11.04 3.80 8.43
CA VAL A 484 -11.54 2.49 8.80
C VAL A 484 -13.01 2.39 8.42
N PHE A 485 -13.75 3.45 8.70
CA PHE A 485 -15.19 3.52 8.43
C PHE A 485 -15.44 3.38 6.92
N PHE A 486 -14.65 4.09 6.11
CA PHE A 486 -14.74 3.95 4.65
C PHE A 486 -14.39 2.54 4.19
N ASP A 487 -13.38 1.92 4.80
CA ASP A 487 -13.06 0.52 4.47
C ASP A 487 -14.24 -0.43 4.74
N TRP A 488 -14.96 -0.24 5.86
CA TRP A 488 -16.08 -1.11 6.20
C TRP A 488 -17.27 -0.86 5.27
N ILE A 489 -17.53 0.41 4.95
CA ILE A 489 -18.56 0.70 3.96
C ILE A 489 -18.23 0.01 2.62
N LYS A 490 -17.00 0.19 2.13
CA LYS A 490 -16.59 -0.43 0.88
C LYS A 490 -16.77 -1.93 0.94
N LEU A 491 -16.50 -2.50 2.10
CA LEU A 491 -16.60 -3.93 2.27
C LEU A 491 -18.06 -4.39 2.12
N ALA A 492 -19.02 -3.53 2.40
CA ALA A 492 -20.43 -3.90 2.25
C ALA A 492 -20.82 -4.15 0.79
N PHE A 493 -20.11 -3.51 -0.13
CA PHE A 493 -20.44 -3.61 -1.55
C PHE A 493 -19.45 -4.44 -2.35
N PHE A 494 -18.20 -4.45 -1.92
CA PHE A 494 -17.14 -5.04 -2.76
C PHE A 494 -16.26 -6.05 -2.04
N LYS A 495 -15.53 -6.83 -2.83
CA LYS A 495 -14.59 -7.77 -2.25
C LYS A 495 -13.39 -7.01 -1.71
N ARG A 496 -12.80 -7.54 -0.64
CA ARG A 496 -11.55 -7.00 -0.11
C ARG A 496 -10.47 -6.88 -1.19
N ASP A 497 -9.65 -5.83 -1.09
CA ASP A 497 -8.41 -5.74 -1.84
C ASP A 497 -7.42 -6.76 -1.30
N PHE A 498 -6.98 -7.64 -2.16
CA PHE A 498 -6.00 -8.63 -1.79
C PHE A 498 -4.91 -8.69 -2.86
N PHE A 499 -4.19 -7.57 -3.01
CA PHE A 499 -3.10 -7.51 -3.97
C PHE A 499 -1.81 -8.07 -3.41
N LYS A 500 -1.14 -8.89 -4.21
CA LYS A 500 0.12 -9.53 -3.84
C LYS A 500 1.23 -8.52 -3.46
N GLY A 501 1.40 -7.46 -4.26
CA GLY A 501 2.44 -6.49 -3.97
C GLY A 501 2.04 -5.04 -3.71
N LEU A 502 0.86 -4.82 -3.15
CA LEU A 502 0.48 -3.47 -2.71
C LEU A 502 0.22 -3.40 -1.21
N THR B 31 7.87 -30.72 -26.61
CA THR B 31 8.87 -29.98 -25.85
C THR B 31 8.34 -28.66 -25.30
N MET B 32 7.24 -28.18 -25.88
CA MET B 32 6.62 -26.91 -25.53
C MET B 32 5.12 -27.13 -25.37
N LYS B 33 4.59 -26.96 -24.16
CA LYS B 33 3.15 -27.25 -23.95
C LYS B 33 2.26 -26.33 -24.80
N VAL B 34 1.20 -26.89 -25.36
CA VAL B 34 0.27 -26.12 -26.19
C VAL B 34 -1.14 -26.19 -25.63
N ILE B 35 -1.77 -25.03 -25.41
CA ILE B 35 -3.10 -24.97 -24.84
C ILE B 35 -4.12 -24.70 -25.91
N ASP B 36 -4.94 -25.71 -26.24
CA ASP B 36 -5.92 -25.57 -27.31
C ASP B 36 -7.28 -26.11 -26.89
N PRO B 37 -8.10 -25.25 -26.30
CA PRO B 37 -9.44 -25.66 -25.83
C PRO B 37 -10.41 -25.97 -26.97
N GLN B 38 -10.81 -27.24 -27.08
CA GLN B 38 -11.80 -27.62 -28.08
C GLN B 38 -13.05 -28.28 -27.48
N HIS B 39 -13.33 -27.92 -26.23
CA HIS B 39 -14.55 -28.35 -25.56
C HIS B 39 -15.80 -27.85 -26.30
N SER B 40 -15.75 -26.60 -26.76
CA SER B 40 -16.89 -26.02 -27.47
C SER B 40 -16.57 -25.70 -28.93
N ASP B 41 -17.62 -25.32 -29.67
CA ASP B 41 -17.46 -24.85 -31.04
C ASP B 41 -17.58 -23.33 -31.10
N LYS B 42 -17.51 -22.70 -29.93
CA LYS B 42 -17.26 -21.26 -29.82
C LYS B 42 -15.80 -21.00 -30.21
N PRO B 43 -15.58 -19.92 -30.98
CA PRO B 43 -14.20 -19.53 -31.34
C PRO B 43 -13.42 -19.04 -30.11
N ASN B 44 -12.14 -19.40 -30.04
CA ASN B 44 -11.26 -18.94 -28.97
C ASN B 44 -10.71 -17.55 -29.27
N VAL B 45 -11.19 -16.56 -28.54
CA VAL B 45 -10.65 -15.21 -28.63
C VAL B 45 -9.60 -15.00 -27.54
N LEU B 46 -8.39 -14.66 -27.96
CA LEU B 46 -7.25 -14.44 -27.05
C LEU B 46 -6.89 -12.94 -27.02
N ILE B 47 -6.92 -12.36 -25.82
CA ILE B 47 -6.62 -10.93 -25.65
C ILE B 47 -5.26 -10.77 -24.99
N LEU B 48 -4.39 -9.92 -25.54
CA LEU B 48 -3.15 -9.61 -24.85
C LEU B 48 -3.32 -8.28 -24.13
N GLY B 49 -2.96 -8.27 -22.84
CA GLY B 49 -2.94 -7.03 -22.05
C GLY B 49 -4.08 -6.90 -21.05
N SER B 50 -3.94 -5.97 -20.11
CA SER B 50 -5.02 -5.72 -19.16
C SER B 50 -5.18 -4.22 -18.91
N GLY B 51 -4.98 -3.42 -19.95
CA GLY B 51 -5.09 -1.98 -19.87
C GLY B 51 -6.32 -1.49 -20.61
N TRP B 52 -6.27 -0.26 -21.13
CA TRP B 52 -7.46 0.36 -21.71
C TRP B 52 -8.13 -0.41 -22.85
N GLY B 53 -7.34 -0.92 -23.80
CA GLY B 53 -7.91 -1.64 -24.93
C GLY B 53 -8.45 -2.98 -24.47
N ALA B 54 -7.60 -3.75 -23.80
CA ALA B 54 -7.97 -5.08 -23.36
C ALA B 54 -9.23 -5.11 -22.49
N ILE B 55 -9.29 -4.24 -21.49
CA ILE B 55 -10.42 -4.26 -20.55
C ILE B 55 -11.68 -3.69 -21.19
N SER B 56 -11.54 -2.65 -22.00
CA SER B 56 -12.72 -2.09 -22.66
C SER B 56 -13.35 -3.15 -23.57
N PHE B 57 -12.48 -3.83 -24.32
CA PHE B 57 -12.92 -4.92 -25.18
C PHE B 57 -13.58 -6.04 -24.38
N LEU B 58 -12.94 -6.46 -23.29
CA LEU B 58 -13.48 -7.52 -22.44
C LEU B 58 -14.85 -7.15 -21.93
N LYS B 59 -15.03 -5.87 -21.59
CA LYS B 59 -16.33 -5.42 -21.09
C LYS B 59 -17.44 -5.62 -22.09
N HIS B 60 -17.11 -5.43 -23.38
CA HIS B 60 -18.14 -5.50 -24.44
C HIS B 60 -18.21 -6.81 -25.23
N ILE B 61 -17.18 -7.66 -25.16
CA ILE B 61 -17.18 -8.91 -25.93
C ILE B 61 -18.29 -9.87 -25.43
N ASP B 62 -18.97 -10.56 -26.35
CA ASP B 62 -20.06 -11.48 -25.97
C ASP B 62 -19.50 -12.86 -25.64
N THR B 63 -19.47 -13.20 -24.35
CA THR B 63 -18.86 -14.47 -23.91
C THR B 63 -19.79 -15.66 -24.10
N LYS B 64 -21.02 -15.37 -24.54
CA LYS B 64 -21.95 -16.41 -24.94
C LYS B 64 -21.61 -16.92 -26.34
N LYS B 65 -21.04 -16.06 -27.18
CA LYS B 65 -20.66 -16.45 -28.55
C LYS B 65 -19.18 -16.85 -28.61
N TYR B 66 -18.38 -16.28 -27.71
CA TYR B 66 -16.94 -16.45 -27.78
C TYR B 66 -16.39 -16.99 -26.49
N ASN B 67 -15.33 -17.77 -26.65
CA ASN B 67 -14.55 -18.23 -25.53
C ASN B 67 -13.39 -17.25 -25.36
N VAL B 68 -13.29 -16.63 -24.19
CA VAL B 68 -12.34 -15.52 -24.00
C VAL B 68 -11.18 -15.88 -23.07
N SER B 69 -9.96 -15.65 -23.53
CA SER B 69 -8.77 -15.80 -22.68
C SER B 69 -7.97 -14.51 -22.71
N ILE B 70 -7.20 -14.27 -21.64
CA ILE B 70 -6.44 -13.03 -21.48
C ILE B 70 -5.06 -13.38 -20.96
N ILE B 71 -4.04 -12.85 -21.63
CA ILE B 71 -2.67 -12.93 -21.15
C ILE B 71 -2.20 -11.52 -20.82
N SER B 72 -1.75 -11.35 -19.58
CA SER B 72 -1.17 -10.09 -19.13
C SER B 72 -0.41 -10.35 -17.84
N PRO B 73 0.76 -9.71 -17.71
CA PRO B 73 1.62 -9.83 -16.51
C PRO B 73 1.07 -9.01 -15.32
N ARG B 74 0.12 -8.13 -15.60
CA ARG B 74 -0.44 -7.23 -14.62
C ARG B 74 -1.87 -7.70 -14.32
N SER B 75 -2.10 -8.18 -13.09
CA SER B 75 -3.39 -8.78 -12.75
C SER B 75 -4.54 -7.79 -12.62
N TYR B 76 -4.31 -6.53 -12.96
CA TYR B 76 -5.33 -5.50 -12.79
C TYR B 76 -5.29 -4.47 -13.92
N PHE B 77 -6.42 -3.77 -14.05
CA PHE B 77 -6.55 -2.60 -14.88
C PHE B 77 -6.12 -1.34 -14.15
N LEU B 78 -5.39 -0.49 -14.86
CA LEU B 78 -4.86 0.77 -14.30
C LEU B 78 -5.58 1.96 -14.91
N PHE B 79 -6.25 2.73 -14.06
CA PHE B 79 -6.88 3.95 -14.56
C PHE B 79 -5.78 5.03 -14.73
N THR B 80 -5.02 4.95 -15.82
CA THR B 80 -3.87 5.84 -16.10
C THR B 80 -4.05 7.36 -15.84
N PRO B 81 -5.20 7.95 -16.18
CA PRO B 81 -5.24 9.41 -15.96
C PRO B 81 -5.09 9.88 -14.51
N LEU B 82 -5.32 9.02 -13.51
CA LEU B 82 -5.10 9.42 -12.11
C LEU B 82 -3.73 8.97 -11.57
N LEU B 83 -2.96 8.24 -12.39
CA LEU B 83 -1.63 7.83 -11.94
C LEU B 83 -0.75 8.98 -11.44
N PRO B 84 -0.80 10.17 -12.11
CA PRO B 84 -0.02 11.29 -11.55
C PRO B 84 -0.42 11.73 -10.15
N SER B 85 -1.65 11.47 -9.71
CA SER B 85 -2.07 11.84 -8.36
C SER B 85 -1.65 10.83 -7.31
N ALA B 86 -1.15 9.68 -7.73
CA ALA B 86 -0.82 8.64 -6.73
C ALA B 86 0.48 8.86 -5.93
N PRO B 87 1.57 9.33 -6.58
CA PRO B 87 2.83 9.39 -5.82
C PRO B 87 2.75 10.20 -4.54
N VAL B 88 1.90 11.21 -4.51
CA VAL B 88 1.77 12.04 -3.30
C VAL B 88 0.51 11.74 -2.50
N GLY B 89 -0.23 10.69 -2.89
CA GLY B 89 -1.38 10.25 -2.16
C GLY B 89 -2.60 11.15 -2.28
N THR B 90 -2.69 11.93 -3.35
CA THR B 90 -3.95 12.63 -3.61
C THR B 90 -5.03 11.56 -3.77
N VAL B 91 -4.71 10.50 -4.50
CA VAL B 91 -5.45 9.25 -4.41
C VAL B 91 -4.46 8.14 -4.06
N ASP B 92 -4.96 7.02 -3.55
CA ASP B 92 -4.13 5.87 -3.24
C ASP B 92 -3.94 4.97 -4.49
N GLU B 93 -2.80 4.31 -4.59
CA GLU B 93 -2.58 3.34 -5.67
C GLU B 93 -3.70 2.29 -5.79
N LYS B 94 -4.21 1.77 -4.67
CA LYS B 94 -5.26 0.75 -4.77
C LYS B 94 -6.57 1.30 -5.34
N SER B 95 -6.82 2.58 -5.10
CA SER B 95 -8.04 3.22 -5.56
C SER B 95 -8.18 3.29 -7.07
N ILE B 96 -7.05 3.35 -7.79
CA ILE B 96 -7.13 3.55 -9.24
C ILE B 96 -6.85 2.28 -10.00
N ILE B 97 -6.78 1.16 -9.26
CA ILE B 97 -6.66 -0.14 -9.94
C ILE B 97 -7.86 -1.04 -9.63
N GLU B 98 -8.12 -1.97 -10.54
CA GLU B 98 -9.27 -2.89 -10.45
C GLU B 98 -8.84 -4.25 -11.02
N PRO B 99 -8.79 -5.30 -10.18
CA PRO B 99 -8.38 -6.65 -10.64
C PRO B 99 -9.14 -7.11 -11.89
N ILE B 100 -8.44 -7.74 -12.84
CA ILE B 100 -9.06 -8.28 -14.06
C ILE B 100 -10.23 -9.19 -13.75
N VAL B 101 -10.00 -10.05 -12.76
CA VAL B 101 -10.97 -11.01 -12.26
C VAL B 101 -12.36 -10.40 -11.97
N ASN B 102 -12.40 -9.16 -11.45
CA ASN B 102 -13.69 -8.49 -11.17
C ASN B 102 -14.48 -8.11 -12.42
N PHE B 103 -13.78 -7.81 -13.51
CA PHE B 103 -14.46 -7.54 -14.77
C PHE B 103 -14.95 -8.87 -15.33
N ALA B 104 -14.12 -9.90 -15.19
CA ALA B 104 -14.42 -11.23 -15.73
C ALA B 104 -15.62 -11.90 -15.05
N LEU B 105 -15.72 -11.80 -13.73
CA LEU B 105 -16.87 -12.33 -13.02
C LEU B 105 -18.19 -11.82 -13.60
N LYS B 106 -18.18 -10.62 -14.16
CA LYS B 106 -19.43 -10.06 -14.72
C LYS B 106 -19.83 -10.68 -16.07
N LYS B 107 -18.94 -11.46 -16.69
CA LYS B 107 -19.23 -12.10 -17.97
C LYS B 107 -20.07 -13.38 -17.80
N LYS B 108 -20.98 -13.63 -18.73
CA LYS B 108 -21.89 -14.76 -18.62
C LYS B 108 -21.22 -16.08 -19.00
N GLY B 109 -20.23 -16.00 -19.90
CA GLY B 109 -19.54 -17.19 -20.40
C GLY B 109 -18.26 -17.56 -19.66
N ASN B 110 -17.36 -18.24 -20.37
CA ASN B 110 -16.09 -18.70 -19.79
C ASN B 110 -14.96 -17.73 -20.07
N VAL B 111 -14.31 -17.25 -19.02
CA VAL B 111 -13.14 -16.38 -19.18
C VAL B 111 -11.94 -17.00 -18.47
N THR B 112 -10.78 -16.98 -19.13
CA THR B 112 -9.57 -17.47 -18.50
C THR B 112 -8.54 -16.36 -18.46
N TYR B 113 -7.93 -16.17 -17.29
CA TYR B 113 -6.85 -15.21 -17.17
C TYR B 113 -5.50 -15.86 -16.84
N TYR B 114 -4.57 -15.77 -17.80
CA TYR B 114 -3.16 -16.17 -17.61
C TYR B 114 -2.34 -14.98 -17.14
N GLU B 115 -1.89 -15.03 -15.89
CA GLU B 115 -0.99 -14.01 -15.42
C GLU B 115 0.44 -14.38 -15.91
N ALA B 116 0.77 -13.89 -17.10
CA ALA B 116 2.08 -14.13 -17.70
C ALA B 116 2.35 -13.06 -18.76
N GLU B 117 3.57 -13.08 -19.30
CA GLU B 117 3.97 -12.13 -20.32
C GLU B 117 3.99 -12.77 -21.71
N ALA B 118 3.31 -12.17 -22.69
CA ALA B 118 3.44 -12.66 -24.07
C ALA B 118 4.83 -12.30 -24.58
N THR B 119 5.64 -13.31 -24.93
CA THR B 119 6.99 -13.06 -25.41
C THR B 119 7.12 -13.25 -26.91
N SER B 120 6.18 -13.98 -27.51
CA SER B 120 6.19 -14.18 -28.95
C SER B 120 4.84 -14.44 -29.56
N ILE B 121 4.47 -13.62 -30.55
CA ILE B 121 3.26 -13.87 -31.30
C ILE B 121 3.63 -14.68 -32.56
N ASN B 122 3.03 -15.86 -32.68
CA ASN B 122 3.38 -16.82 -33.73
C ASN B 122 2.22 -16.96 -34.72
N PRO B 123 2.18 -16.05 -35.72
CA PRO B 123 0.98 -15.88 -36.55
C PRO B 123 0.67 -17.07 -37.45
N ASP B 124 1.69 -17.80 -37.89
CA ASP B 124 1.48 -18.88 -38.84
C ASP B 124 0.95 -20.15 -38.18
N ARG B 125 1.23 -20.32 -36.90
CA ARG B 125 0.57 -21.39 -36.17
C ARG B 125 -0.54 -20.93 -35.22
N ASN B 126 -0.91 -19.64 -35.30
CA ASN B 126 -2.01 -19.10 -34.47
C ASN B 126 -1.81 -19.34 -32.97
N THR B 127 -0.65 -18.95 -32.49
CA THR B 127 -0.26 -19.26 -31.14
C THR B 127 0.42 -18.02 -30.53
N VAL B 128 0.33 -17.89 -29.20
CA VAL B 128 1.16 -16.90 -28.49
C VAL B 128 2.02 -17.61 -27.46
N THR B 129 3.32 -17.32 -27.47
CA THR B 129 4.20 -17.91 -26.47
C THR B 129 4.16 -17.03 -25.23
N ILE B 130 4.09 -17.66 -24.06
CA ILE B 130 4.13 -16.92 -22.80
C ILE B 130 5.30 -17.37 -21.90
N LYS B 131 5.74 -16.47 -21.04
CA LYS B 131 6.80 -16.78 -20.07
C LYS B 131 6.46 -16.07 -18.75
N SER B 132 7.26 -16.33 -17.72
CA SER B 132 7.04 -15.69 -16.42
C SER B 132 5.62 -15.94 -15.91
N LEU B 133 5.07 -17.11 -16.22
CA LEU B 133 3.75 -17.51 -15.73
C LEU B 133 3.73 -17.54 -14.21
N SER B 134 2.72 -16.90 -13.61
CA SER B 134 2.58 -16.90 -12.17
C SER B 134 1.32 -17.63 -11.70
N ALA B 135 0.26 -17.57 -12.52
CA ALA B 135 -1.05 -18.05 -12.10
C ALA B 135 -1.94 -18.18 -13.31
N VAL B 136 -2.93 -19.06 -13.22
CA VAL B 136 -3.97 -19.17 -14.24
C VAL B 136 -5.30 -19.22 -13.52
N SER B 137 -6.27 -18.44 -13.97
CA SER B 137 -7.56 -18.44 -13.28
C SER B 137 -8.66 -18.72 -14.27
N GLN B 138 -9.32 -19.86 -14.07
CA GLN B 138 -10.42 -20.28 -14.94
C GLN B 138 -11.73 -20.01 -14.21
N LEU B 139 -12.39 -18.93 -14.59
CA LEU B 139 -13.61 -18.51 -13.92
C LEU B 139 -14.81 -19.29 -14.43
N TYR B 140 -14.68 -20.61 -14.43
CA TYR B 140 -15.79 -21.51 -14.76
C TYR B 140 -15.63 -22.83 -14.06
N GLN B 141 -16.77 -23.38 -13.65
CA GLN B 141 -16.89 -24.51 -12.73
C GLN B 141 -16.50 -25.89 -13.29
N PRO B 142 -16.82 -26.17 -14.57
CA PRO B 142 -16.27 -27.40 -15.14
C PRO B 142 -14.75 -27.48 -14.95
N GLU B 143 -14.02 -26.52 -15.52
CA GLU B 143 -12.57 -26.37 -15.26
C GLU B 143 -11.75 -27.57 -15.74
N ASN B 144 -10.90 -27.35 -16.73
CA ASN B 144 -9.98 -28.39 -17.20
C ASN B 144 -8.55 -28.15 -16.72
N HIS B 145 -7.97 -29.12 -16.03
CA HIS B 145 -6.60 -28.97 -15.56
C HIS B 145 -5.69 -28.90 -16.78
N LEU B 146 -4.84 -27.86 -16.82
CA LEU B 146 -4.05 -27.56 -18.00
C LEU B 146 -2.63 -28.07 -17.87
N GLY B 147 -2.23 -28.38 -16.64
CA GLY B 147 -0.91 -28.95 -16.39
C GLY B 147 0.22 -27.99 -16.70
N LEU B 148 0.01 -26.72 -16.35
CA LEU B 148 1.06 -25.71 -16.42
C LEU B 148 1.78 -25.59 -15.07
N HIS B 149 3.05 -25.16 -15.13
CA HIS B 149 3.87 -24.96 -13.95
C HIS B 149 4.41 -23.53 -14.06
N GLN B 150 4.67 -22.89 -12.92
CA GLN B 150 5.21 -21.53 -12.92
C GLN B 150 6.57 -21.50 -13.61
N ALA B 151 6.80 -20.44 -14.38
CA ALA B 151 8.08 -20.23 -15.03
C ALA B 151 8.41 -21.37 -16.02
N GLU B 152 7.36 -21.96 -16.59
CA GLU B 152 7.53 -22.84 -17.74
C GLU B 152 6.81 -22.25 -18.93
N PRO B 153 7.51 -22.15 -20.07
CA PRO B 153 6.93 -21.56 -21.28
C PRO B 153 5.76 -22.40 -21.75
N ALA B 154 4.86 -21.79 -22.50
CA ALA B 154 3.76 -22.52 -23.07
C ALA B 154 3.31 -21.70 -24.28
N GLU B 155 2.51 -22.28 -25.13
CA GLU B 155 1.95 -21.52 -26.24
C GLU B 155 0.44 -21.63 -26.12
N ILE B 156 -0.24 -20.51 -26.35
CA ILE B 156 -1.71 -20.49 -26.28
C ILE B 156 -2.30 -20.36 -27.68
N LYS B 157 -3.10 -21.34 -28.07
CA LYS B 157 -3.73 -21.35 -29.38
C LYS B 157 -4.92 -20.40 -29.37
N TYR B 158 -5.15 -19.72 -30.49
CA TYR B 158 -6.32 -18.85 -30.62
C TYR B 158 -6.95 -19.00 -32.00
N ASP B 159 -8.20 -18.57 -32.10
CA ASP B 159 -8.85 -18.40 -33.39
C ASP B 159 -8.74 -16.92 -33.76
N TYR B 160 -8.91 -16.07 -32.76
CA TYR B 160 -8.79 -14.63 -32.93
C TYR B 160 -7.84 -14.04 -31.88
N LEU B 161 -6.91 -13.21 -32.33
CA LEU B 161 -6.01 -12.53 -31.40
C LEU B 161 -6.37 -11.05 -31.37
N ILE B 162 -6.49 -10.51 -30.15
CA ILE B 162 -6.67 -9.06 -29.94
C ILE B 162 -5.43 -8.57 -29.21
N SER B 163 -4.61 -7.79 -29.89
CA SER B 163 -3.37 -7.35 -29.27
C SER B 163 -3.52 -5.96 -28.71
N ALA B 164 -3.34 -5.86 -27.38
CA ALA B 164 -3.43 -4.59 -26.67
C ALA B 164 -2.38 -4.47 -25.56
N VAL B 165 -1.12 -4.74 -25.88
CA VAL B 165 -0.06 -4.75 -24.84
C VAL B 165 0.50 -3.36 -24.61
N GLY B 166 -0.06 -2.38 -25.30
CA GLY B 166 0.29 -0.99 -25.11
C GLY B 166 1.71 -0.69 -25.58
N ALA B 167 2.35 0.28 -24.94
CA ALA B 167 3.69 0.73 -25.31
C ALA B 167 4.53 0.98 -24.06
N GLU B 168 5.85 1.00 -24.22
CA GLU B 168 6.73 1.24 -23.09
C GLU B 168 7.40 2.61 -23.16
N PRO B 169 7.87 3.12 -22.01
CA PRO B 169 8.46 4.48 -21.97
C PRO B 169 9.69 4.59 -22.85
N ASN B 170 9.90 5.75 -23.46
CA ASN B 170 11.00 5.93 -24.40
C ASN B 170 12.02 6.92 -23.86
N THR B 171 13.25 6.45 -23.64
CA THR B 171 14.36 7.31 -23.21
C THR B 171 15.00 8.17 -24.33
N PHE B 172 14.67 7.89 -25.59
CA PHE B 172 15.30 8.54 -26.76
C PHE B 172 16.83 8.39 -26.79
N GLY B 173 17.33 7.28 -26.27
CA GLY B 173 18.76 7.08 -26.21
C GLY B 173 19.50 8.02 -25.29
N ILE B 174 18.79 8.87 -24.53
CA ILE B 174 19.47 9.76 -23.57
C ILE B 174 20.15 8.93 -22.48
N PRO B 175 21.47 9.04 -22.36
CA PRO B 175 22.14 8.21 -21.35
C PRO B 175 21.69 8.55 -19.93
N GLY B 176 21.47 7.52 -19.11
CA GLY B 176 21.24 7.70 -17.69
C GLY B 176 19.80 7.74 -17.19
N VAL B 177 18.81 7.93 -18.07
CA VAL B 177 17.45 8.14 -17.57
C VAL B 177 16.88 6.89 -16.91
N THR B 178 17.26 5.73 -17.46
CA THR B 178 16.84 4.43 -16.92
C THR B 178 17.48 4.16 -15.55
N ASP B 179 18.77 4.45 -15.44
CA ASP B 179 19.47 4.25 -14.19
C ASP B 179 19.07 5.24 -13.10
N TYR B 180 18.79 6.48 -13.50
CA TYR B 180 18.74 7.56 -12.52
C TYR B 180 17.39 8.27 -12.41
N GLY B 181 16.54 8.13 -13.42
CA GLY B 181 15.19 8.67 -13.34
C GLY B 181 14.14 7.61 -13.01
N HIS B 182 12.88 8.06 -12.95
CA HIS B 182 11.74 7.16 -12.75
C HIS B 182 10.78 7.46 -13.88
N PHE B 183 10.30 6.44 -14.56
CA PHE B 183 9.19 6.69 -15.47
C PHE B 183 7.92 6.90 -14.64
N LEU B 184 6.87 7.37 -15.29
CA LEU B 184 5.58 7.45 -14.62
C LEU B 184 4.59 6.73 -15.50
N LYS B 185 4.62 5.39 -15.43
CA LYS B 185 3.90 4.56 -16.40
C LYS B 185 3.03 3.50 -15.71
N GLU B 186 3.52 2.97 -14.58
CA GLU B 186 2.88 1.87 -13.89
C GLU B 186 2.87 2.11 -12.39
N ILE B 187 2.01 1.37 -11.67
CA ILE B 187 1.92 1.51 -10.21
C ILE B 187 3.30 1.53 -9.48
N PRO B 188 4.21 0.59 -9.80
CA PRO B 188 5.49 0.61 -9.07
C PRO B 188 6.30 1.89 -9.27
N ASN B 189 6.12 2.58 -10.39
CA ASN B 189 6.77 3.88 -10.59
C ASN B 189 6.29 4.88 -9.53
N SER B 190 4.99 4.88 -9.25
CA SER B 190 4.46 5.77 -8.24
C SER B 190 5.08 5.50 -6.87
N LEU B 191 5.22 4.23 -6.53
CA LEU B 191 5.82 3.87 -5.25
C LEU B 191 7.27 4.33 -5.20
N GLU B 192 8.02 4.07 -6.29
CA GLU B 192 9.45 4.45 -6.40
C GLU B 192 9.62 5.96 -6.20
N ILE B 193 8.77 6.75 -6.86
CA ILE B 193 8.90 8.20 -6.81
C ILE B 193 8.66 8.71 -5.41
N ARG B 194 7.61 8.22 -4.76
CA ARG B 194 7.35 8.57 -3.36
C ARG B 194 8.56 8.23 -2.48
N ARG B 195 9.16 7.07 -2.73
CA ARG B 195 10.25 6.57 -1.89
C ARG B 195 11.47 7.49 -2.03
N THR B 196 11.82 7.78 -3.28
CA THR B 196 12.93 8.68 -3.58
C THR B 196 12.70 10.03 -2.92
N PHE B 197 11.56 10.63 -3.21
CA PHE B 197 11.34 11.99 -2.74
C PHE B 197 11.21 12.07 -1.20
N ALA B 198 10.49 11.13 -0.60
CA ALA B 198 10.41 11.08 0.87
C ALA B 198 11.80 10.88 1.49
N ALA B 199 12.63 10.01 0.90
CA ALA B 199 14.00 9.83 1.39
C ALA B 199 14.79 11.13 1.29
N ASN B 200 14.75 11.78 0.11
CA ASN B 200 15.40 13.08 -0.09
C ASN B 200 15.00 14.14 0.94
N LEU B 201 13.69 14.22 1.27
CA LEU B 201 13.19 15.18 2.29
C LEU B 201 13.76 14.95 3.70
N GLU B 202 14.00 13.69 4.06
CA GLU B 202 14.50 13.40 5.40
C GLU B 202 15.97 13.80 5.46
N LYS B 203 16.71 13.40 4.45
CA LYS B 203 18.11 13.72 4.32
C LYS B 203 18.29 15.25 4.32
N ALA B 204 17.54 15.94 3.46
CA ALA B 204 17.69 17.38 3.28
C ALA B 204 17.39 18.14 4.55
N ASN B 205 16.41 17.69 5.31
CA ASN B 205 16.01 18.43 6.52
C ASN B 205 17.05 18.31 7.64
N LEU B 206 18.00 17.40 7.48
CA LEU B 206 19.07 17.20 8.44
C LEU B 206 20.27 18.14 8.15
N LEU B 207 20.36 18.58 6.89
CA LEU B 207 21.33 19.57 6.43
C LEU B 207 20.91 20.98 6.88
N PRO B 208 21.89 21.88 7.07
CA PRO B 208 21.62 23.28 7.43
C PRO B 208 21.12 24.11 6.25
N LYS B 209 20.19 25.04 6.49
CA LYS B 209 19.66 25.92 5.45
C LYS B 209 20.79 26.54 4.60
N GLY B 210 20.57 26.63 3.29
CA GLY B 210 21.59 27.21 2.42
C GLY B 210 22.70 26.25 2.01
N ASP B 211 22.66 25.02 2.50
CA ASP B 211 23.55 24.01 1.96
C ASP B 211 23.07 23.62 0.55
N PRO B 212 23.98 23.63 -0.43
CA PRO B 212 23.63 23.33 -1.83
C PRO B 212 23.21 21.89 -2.01
N GLU B 213 23.68 21.02 -1.11
CA GLU B 213 23.28 19.63 -1.17
C GLU B 213 21.82 19.49 -0.69
N ARG B 214 21.47 20.24 0.34
CA ARG B 214 20.08 20.34 0.76
C ARG B 214 19.19 20.84 -0.41
N ARG B 215 19.65 21.88 -1.09
CA ARG B 215 18.87 22.44 -2.19
C ARG B 215 18.73 21.40 -3.33
N ARG B 216 19.79 20.62 -3.54
CA ARG B 216 19.74 19.59 -4.56
C ARG B 216 18.71 18.52 -4.22
N LEU B 217 18.72 18.08 -2.96
CA LEU B 217 17.82 17.03 -2.50
C LEU B 217 16.35 17.48 -2.57
N LEU B 218 16.14 18.79 -2.41
CA LEU B 218 14.83 19.36 -2.48
C LEU B 218 14.41 19.74 -3.89
N SER B 219 15.15 19.29 -4.89
CA SER B 219 14.75 19.70 -6.22
C SER B 219 14.27 18.52 -7.06
N ILE B 220 13.21 18.76 -7.84
CA ILE B 220 12.60 17.70 -8.66
C ILE B 220 12.61 18.16 -10.09
N VAL B 221 12.97 17.26 -11.00
CA VAL B 221 12.86 17.54 -12.41
C VAL B 221 11.88 16.61 -13.09
N VAL B 222 10.90 17.22 -13.73
CA VAL B 222 9.93 16.49 -14.48
C VAL B 222 10.19 16.79 -15.94
N VAL B 223 10.56 15.77 -16.70
CA VAL B 223 10.84 15.92 -18.12
C VAL B 223 9.61 15.54 -18.94
N GLY B 224 9.13 16.47 -19.76
CA GLY B 224 7.92 16.25 -20.51
C GLY B 224 6.84 17.22 -20.09
N GLY B 225 6.49 18.14 -20.99
CA GLY B 225 5.46 19.12 -20.73
C GLY B 225 4.12 18.72 -21.33
N GLY B 226 3.93 17.41 -21.52
CA GLY B 226 2.60 16.93 -21.85
C GLY B 226 1.77 16.92 -20.59
N PRO B 227 0.50 16.52 -20.72
CA PRO B 227 -0.39 16.50 -19.55
C PRO B 227 0.13 15.60 -18.41
N THR B 228 0.85 14.52 -18.73
CA THR B 228 1.40 13.65 -17.68
C THR B 228 2.41 14.40 -16.82
N GLY B 229 3.38 15.04 -17.47
CA GLY B 229 4.42 15.81 -16.78
C GLY B 229 3.84 16.98 -16.00
N VAL B 230 2.92 17.69 -16.65
CA VAL B 230 2.25 18.83 -16.01
C VAL B 230 1.51 18.39 -14.74
N GLU B 231 0.67 17.35 -14.82
CA GLU B 231 -0.10 16.91 -13.67
C GLU B 231 0.81 16.37 -12.55
N ALA B 232 1.86 15.65 -12.93
CA ALA B 232 2.85 15.16 -11.96
C ALA B 232 3.48 16.33 -11.21
N ALA B 233 3.87 17.36 -11.97
CA ALA B 233 4.46 18.56 -11.38
C ALA B 233 3.44 19.24 -10.48
N GLY B 234 2.20 19.37 -10.97
CA GLY B 234 1.14 20.01 -10.22
C GLY B 234 0.80 19.30 -8.92
N GLU B 235 0.68 17.96 -8.97
CA GLU B 235 0.37 17.17 -7.75
C GLU B 235 1.50 17.29 -6.70
N LEU B 236 2.75 17.20 -7.17
CA LEU B 236 3.89 17.33 -6.28
C LEU B 236 3.86 18.71 -5.61
N GLN B 237 3.57 19.76 -6.39
CA GLN B 237 3.54 21.10 -5.84
C GLN B 237 2.39 21.19 -4.83
N ASP B 238 1.26 20.54 -5.14
CA ASP B 238 0.15 20.52 -4.20
C ASP B 238 0.60 19.90 -2.87
N TYR B 239 1.36 18.81 -2.95
CA TYR B 239 1.74 18.09 -1.74
C TYR B 239 2.63 19.00 -0.90
N VAL B 240 3.60 19.62 -1.57
CA VAL B 240 4.59 20.47 -0.93
C VAL B 240 3.94 21.69 -0.26
N HIS B 241 3.03 22.33 -0.97
CA HIS B 241 2.39 23.56 -0.50
C HIS B 241 1.27 23.31 0.52
N GLN B 242 0.47 22.27 0.32
CA GLN B 242 -0.69 22.03 1.19
C GLN B 242 -0.38 21.18 2.42
N ASP B 243 0.57 20.25 2.28
CA ASP B 243 0.80 19.28 3.34
C ASP B 243 2.13 19.45 4.04
N LEU B 244 3.22 19.26 3.30
CA LEU B 244 4.57 19.42 3.83
C LEU B 244 4.74 20.75 4.57
N ARG B 245 4.27 21.83 3.96
CA ARG B 245 4.33 23.17 4.55
C ARG B 245 3.71 23.26 5.96
N LYS B 246 2.73 22.42 6.26
CA LYS B 246 2.11 22.44 7.58
C LYS B 246 3.04 22.00 8.71
N PHE B 247 4.04 21.19 8.42
CA PHE B 247 4.89 20.76 9.52
C PHE B 247 6.37 21.03 9.34
N LEU B 248 6.78 21.26 8.09
CA LEU B 248 8.16 21.73 7.81
C LEU B 248 8.13 22.86 6.79
N PRO B 249 7.57 24.02 7.18
CA PRO B 249 7.38 25.17 6.27
C PRO B 249 8.65 25.63 5.59
N ALA B 250 9.76 25.63 6.31
CA ALA B 250 11.03 26.08 5.73
C ALA B 250 11.51 25.09 4.67
N LEU B 251 11.29 23.80 4.94
CA LEU B 251 11.64 22.75 3.98
C LEU B 251 10.74 22.92 2.74
N ALA B 252 9.46 23.16 2.96
CA ALA B 252 8.54 23.29 1.83
C ALA B 252 8.94 24.45 0.96
N GLU B 253 9.31 25.55 1.61
CA GLU B 253 9.75 26.75 0.89
C GLU B 253 10.94 26.48 -0.04
N GLU B 254 11.92 25.71 0.42
CA GLU B 254 13.10 25.42 -0.43
C GLU B 254 12.92 24.44 -1.59
N VAL B 255 11.86 23.64 -1.61
CA VAL B 255 11.76 22.72 -2.73
C VAL B 255 11.56 23.47 -4.06
N GLN B 256 12.16 22.96 -5.12
CA GLN B 256 12.05 23.54 -6.44
C GLN B 256 11.73 22.45 -7.46
N ILE B 257 10.55 22.56 -8.07
CA ILE B 257 10.16 21.62 -9.10
C ILE B 257 10.46 22.25 -10.47
N HIS B 258 11.06 21.48 -11.37
CA HIS B 258 11.31 21.95 -12.72
C HIS B 258 10.52 21.13 -13.70
N LEU B 259 9.86 21.82 -14.64
CA LEU B 259 9.23 21.15 -15.79
C LEU B 259 10.10 21.47 -17.03
N VAL B 260 10.63 20.42 -17.65
CA VAL B 260 11.50 20.60 -18.82
C VAL B 260 10.80 20.13 -20.09
N GLU B 261 10.62 21.02 -21.07
CA GLU B 261 9.89 20.69 -22.31
C GLU B 261 10.62 21.18 -23.56
N ALA B 262 10.72 20.31 -24.56
CA ALA B 262 11.56 20.60 -25.72
C ALA B 262 10.90 21.53 -26.74
N LEU B 263 9.57 21.47 -26.81
CA LEU B 263 8.80 22.39 -27.65
C LEU B 263 8.75 23.80 -27.02
N PRO B 264 8.26 24.81 -27.77
CA PRO B 264 8.18 26.17 -27.21
C PRO B 264 6.97 26.39 -26.29
N ILE B 265 6.05 25.43 -26.23
CA ILE B 265 4.89 25.56 -25.33
C ILE B 265 4.61 24.24 -24.63
N VAL B 266 4.01 24.30 -23.44
CA VAL B 266 3.54 23.08 -22.78
C VAL B 266 2.13 22.76 -23.28
N LEU B 267 1.69 21.52 -23.09
CA LEU B 267 0.34 21.10 -23.44
C LEU B 267 -0.06 21.50 -24.86
N ASN B 268 0.78 21.17 -25.84
CA ASN B 268 0.58 21.66 -27.20
C ASN B 268 -0.65 21.10 -27.94
N MET B 269 -1.27 20.06 -27.39
CA MET B 269 -2.52 19.56 -27.95
C MET B 269 -3.73 20.48 -27.63
N PHE B 270 -3.56 21.43 -26.72
CA PHE B 270 -4.62 22.38 -26.44
C PHE B 270 -4.46 23.64 -27.29
N GLU B 271 -5.51 24.48 -27.31
CA GLU B 271 -5.39 25.83 -27.86
C GLU B 271 -4.23 26.56 -27.17
N LYS B 272 -3.48 27.32 -27.96
CA LYS B 272 -2.36 28.11 -27.48
C LYS B 272 -2.70 28.94 -26.23
N LYS B 273 -3.93 29.44 -26.13
CA LYS B 273 -4.25 30.32 -25.01
C LYS B 273 -4.42 29.56 -23.70
N LEU B 274 -4.84 28.30 -23.81
CA LEU B 274 -4.94 27.42 -22.64
C LEU B 274 -3.54 27.00 -22.17
N SER B 275 -2.63 26.80 -23.12
CA SER B 275 -1.23 26.55 -22.79
C SER B 275 -0.59 27.71 -22.03
N SER B 276 -0.93 28.95 -22.41
CA SER B 276 -0.32 30.12 -21.76
C SER B 276 -0.87 30.27 -20.36
N TYR B 277 -2.18 30.08 -20.24
CA TYR B 277 -2.83 30.05 -18.95
C TYR B 277 -2.15 29.02 -18.05
N ALA B 278 -1.93 27.83 -18.58
CA ALA B 278 -1.33 26.74 -17.81
C ALA B 278 0.06 27.11 -17.38
N GLN B 279 0.86 27.58 -18.32
CA GLN B 279 2.22 27.93 -17.98
C GLN B 279 2.34 29.02 -16.86
N SER B 280 1.55 30.09 -16.99
CA SER B 280 1.54 31.16 -16.00
C SER B 280 1.07 30.61 -14.65
N HIS B 281 0.04 29.76 -14.70
CA HIS B 281 -0.41 29.15 -13.47
C HIS B 281 0.73 28.38 -12.79
N LEU B 282 1.42 27.52 -13.55
CA LEU B 282 2.44 26.64 -12.99
C LEU B 282 3.53 27.48 -12.36
N GLU B 283 3.91 28.54 -13.09
CA GLU B 283 4.93 29.45 -12.61
C GLU B 283 4.47 30.19 -11.35
N ASN B 284 3.20 30.56 -11.32
CA ASN B 284 2.64 31.20 -10.15
C ASN B 284 2.63 30.29 -8.93
N THR B 285 2.65 28.96 -9.12
CA THR B 285 2.63 28.06 -7.95
C THR B 285 4.06 27.75 -7.54
N SER B 286 5.01 28.39 -8.25
CA SER B 286 6.48 28.33 -8.02
C SER B 286 7.20 27.24 -8.81
N ILE B 287 6.52 26.60 -9.75
CA ILE B 287 7.19 25.67 -10.66
C ILE B 287 8.02 26.44 -11.68
N LYS B 288 9.24 25.97 -11.95
CA LYS B 288 10.07 26.59 -12.97
C LYS B 288 9.91 25.86 -14.29
N VAL B 289 9.39 26.55 -15.30
CA VAL B 289 9.15 25.94 -16.61
C VAL B 289 10.25 26.27 -17.63
N HIS B 290 10.93 25.24 -18.14
CA HIS B 290 12.01 25.41 -19.14
C HIS B 290 11.53 24.99 -20.52
N LEU B 291 11.14 25.95 -21.34
CA LEU B 291 10.73 25.64 -22.71
C LEU B 291 11.90 25.59 -23.69
N ARG B 292 11.63 25.03 -24.88
CA ARG B 292 12.65 24.86 -25.93
C ARG B 292 13.89 24.17 -25.37
N THR B 293 13.68 23.28 -24.41
CA THR B 293 14.79 22.71 -23.66
C THR B 293 14.70 21.18 -23.65
N ALA B 294 15.84 20.55 -23.90
CA ALA B 294 15.90 19.10 -23.95
C ALA B 294 16.96 18.60 -23.00
N VAL B 295 16.71 17.46 -22.38
CA VAL B 295 17.70 16.85 -21.51
C VAL B 295 18.63 16.06 -22.40
N ALA B 296 19.93 16.32 -22.30
CA ALA B 296 20.92 15.76 -23.21
C ALA B 296 21.59 14.57 -22.60
N LYS B 297 21.72 14.61 -21.28
CA LYS B 297 22.42 13.57 -20.57
C LYS B 297 22.03 13.59 -19.09
N VAL B 298 21.81 12.41 -18.50
CA VAL B 298 21.44 12.32 -17.09
C VAL B 298 22.52 11.60 -16.30
N GLU B 299 23.02 12.25 -15.25
CA GLU B 299 23.89 11.56 -14.28
C GLU B 299 23.17 11.35 -12.99
N GLU B 300 23.86 10.78 -12.01
CA GLU B 300 23.22 10.46 -10.73
C GLU B 300 22.70 11.69 -9.95
N LYS B 301 23.43 12.79 -9.98
CA LYS B 301 23.02 13.94 -9.16
C LYS B 301 22.82 15.23 -9.93
N GLN B 302 23.03 15.18 -11.23
CA GLN B 302 22.80 16.35 -12.06
C GLN B 302 22.44 15.86 -13.45
N LEU B 303 21.91 16.77 -14.25
CA LEU B 303 21.63 16.45 -15.63
C LEU B 303 21.98 17.66 -16.50
N LEU B 304 22.15 17.42 -17.79
CA LEU B 304 22.52 18.45 -18.70
C LEU B 304 21.31 18.82 -19.55
N ALA B 305 20.94 20.10 -19.50
CA ALA B 305 19.79 20.59 -20.29
C ALA B 305 20.23 21.65 -21.28
N LYS B 306 19.83 21.49 -22.53
CA LYS B 306 20.18 22.42 -23.60
C LYS B 306 18.96 23.14 -24.09
N THR B 307 19.07 24.46 -24.20
CA THR B 307 17.97 25.26 -24.74
C THR B 307 18.30 25.73 -26.14
N LYS B 308 17.44 25.40 -27.10
CA LYS B 308 17.58 25.87 -28.47
C LYS B 308 16.65 27.09 -28.61
N HIS B 309 17.25 28.26 -28.50
CA HIS B 309 16.49 29.51 -28.57
C HIS B 309 15.89 29.75 -29.96
N GLU B 310 15.02 30.75 -30.06
CA GLU B 310 14.28 30.94 -31.31
C GLU B 310 15.18 31.50 -32.42
N ASP B 311 16.15 32.32 -32.01
CA ASP B 311 17.14 32.90 -32.94
C ASP B 311 18.09 31.84 -33.50
N GLY B 312 18.13 30.68 -32.84
CA GLY B 312 18.97 29.58 -33.30
C GLY B 312 20.12 29.22 -32.38
N LYS B 313 20.51 30.14 -31.51
CA LYS B 313 21.61 29.88 -30.58
C LYS B 313 21.25 28.81 -29.53
N ILE B 314 22.27 28.13 -29.01
CA ILE B 314 22.07 27.01 -28.10
C ILE B 314 22.85 27.25 -26.81
N THR B 315 22.15 27.29 -25.69
CA THR B 315 22.80 27.42 -24.38
C THR B 315 22.62 26.11 -23.62
N GLU B 316 23.40 25.95 -22.57
CA GLU B 316 23.32 24.74 -21.80
C GLU B 316 23.45 25.03 -20.32
N GLU B 317 22.76 24.25 -19.51
CA GLU B 317 22.76 24.43 -18.07
C GLU B 317 22.80 23.04 -17.43
N THR B 318 23.64 22.93 -16.41
CA THR B 318 23.72 21.71 -15.63
C THR B 318 22.78 21.89 -14.45
N ILE B 319 21.83 20.97 -14.30
CA ILE B 319 20.82 21.06 -13.23
C ILE B 319 20.96 19.96 -12.18
N PRO B 320 21.41 20.33 -10.97
CA PRO B 320 21.43 19.34 -9.88
C PRO B 320 20.00 18.97 -9.52
N TYR B 321 19.71 17.68 -9.30
CA TYR B 321 18.33 17.23 -8.99
C TYR B 321 18.38 16.12 -7.94
N GLY B 322 17.33 16.05 -7.11
CA GLY B 322 17.17 14.94 -6.16
C GLY B 322 16.27 13.85 -6.74
N THR B 323 15.26 14.26 -7.50
CA THR B 323 14.29 13.33 -8.03
C THR B 323 14.07 13.65 -9.48
N LEU B 324 14.17 12.65 -10.35
CA LEU B 324 13.90 12.86 -11.76
C LEU B 324 12.72 12.02 -12.24
N ILE B 325 11.75 12.69 -12.84
CA ILE B 325 10.58 11.99 -13.35
C ILE B 325 10.55 12.18 -14.85
N TRP B 326 10.50 11.04 -15.57
CA TRP B 326 10.66 11.04 -17.02
C TRP B 326 9.34 10.69 -17.65
N ALA B 327 8.63 11.71 -18.13
CA ALA B 327 7.25 11.55 -18.60
C ALA B 327 7.11 11.95 -20.06
N THR B 328 8.10 11.59 -20.86
CA THR B 328 7.97 11.79 -22.29
C THR B 328 7.89 10.46 -23.01
N GLY B 329 6.95 10.39 -23.95
CA GLY B 329 6.96 9.43 -25.03
C GLY B 329 6.95 7.95 -24.76
N ASN B 330 6.37 7.21 -25.71
CA ASN B 330 6.39 5.76 -25.65
C ASN B 330 6.98 5.17 -26.92
N LYS B 331 7.48 3.94 -26.84
CA LYS B 331 7.97 3.22 -28.00
C LYS B 331 7.39 1.80 -28.00
N ALA B 332 7.41 1.15 -29.17
CA ALA B 332 6.75 -0.15 -29.30
C ALA B 332 7.48 -1.22 -28.49
N ARG B 333 6.73 -2.21 -28.03
CA ARG B 333 7.30 -3.29 -27.21
C ARG B 333 8.04 -4.35 -28.06
N PRO B 334 9.01 -5.04 -27.44
CA PRO B 334 9.78 -6.03 -28.20
C PRO B 334 8.88 -7.13 -28.79
N VAL B 335 7.88 -7.59 -28.05
CA VAL B 335 7.01 -8.62 -28.60
C VAL B 335 6.33 -8.13 -29.89
N ILE B 336 6.12 -6.82 -29.98
CA ILE B 336 5.48 -6.20 -31.14
C ILE B 336 6.47 -5.94 -32.29
N THR B 337 7.68 -5.48 -31.96
CA THR B 337 8.66 -5.26 -33.02
C THR B 337 9.05 -6.60 -33.68
N ASP B 338 9.17 -7.65 -32.88
CA ASP B 338 9.42 -8.99 -33.43
C ASP B 338 8.33 -9.38 -34.43
N LEU B 339 7.09 -9.08 -34.09
CA LEU B 339 5.99 -9.43 -34.97
C LEU B 339 6.09 -8.67 -36.29
N PHE B 340 6.71 -7.48 -36.27
CA PHE B 340 6.95 -6.69 -37.49
C PHE B 340 7.69 -7.54 -38.53
N LYS B 341 8.73 -8.25 -38.08
CA LYS B 341 9.57 -9.09 -38.94
C LYS B 341 8.86 -10.34 -39.50
N LYS B 342 7.95 -10.91 -38.73
CA LYS B 342 7.24 -12.15 -39.08
C LYS B 342 6.09 -11.95 -40.07
N ILE B 343 5.72 -10.70 -40.33
CA ILE B 343 4.65 -10.40 -41.29
C ILE B 343 5.14 -9.37 -42.29
N PRO B 344 5.19 -9.75 -43.58
CA PRO B 344 5.76 -8.96 -44.68
C PRO B 344 5.17 -7.54 -44.74
N GLU B 345 3.84 -7.47 -44.79
CA GLU B 345 3.10 -6.20 -44.82
C GLU B 345 3.43 -5.29 -43.63
N GLN B 346 4.17 -5.80 -42.66
CA GLN B 346 4.40 -5.15 -41.39
C GLN B 346 5.88 -4.85 -41.20
N ASN B 347 6.69 -5.22 -42.20
CA ASN B 347 8.14 -4.99 -42.14
C ASN B 347 8.55 -3.50 -42.07
N SER B 348 7.68 -2.62 -42.58
CA SER B 348 7.96 -1.19 -42.64
C SER B 348 7.37 -0.41 -41.46
N SER B 349 6.80 -1.15 -40.50
CA SER B 349 6.18 -0.56 -39.30
C SER B 349 7.21 -0.07 -38.29
N LYS B 350 6.91 1.04 -37.59
CA LYS B 350 7.85 1.57 -36.60
C LYS B 350 7.19 1.91 -35.25
N ARG B 351 6.10 2.68 -35.29
CA ARG B 351 5.37 3.08 -34.08
C ARG B 351 4.57 1.92 -33.48
N GLY B 352 3.95 1.14 -34.36
CA GLY B 352 3.05 0.08 -33.94
C GLY B 352 2.54 -0.75 -35.12
N LEU B 353 1.72 -1.74 -34.82
CA LEU B 353 1.19 -2.58 -35.89
C LEU B 353 0.28 -1.72 -36.77
N ALA B 354 0.44 -1.84 -38.08
CA ALA B 354 -0.46 -1.16 -39.01
C ALA B 354 -1.72 -1.99 -39.20
N VAL B 355 -2.87 -1.32 -39.09
CA VAL B 355 -4.17 -1.97 -39.16
C VAL B 355 -5.05 -1.35 -40.25
N ASN B 356 -6.06 -2.09 -40.70
CA ASN B 356 -6.96 -1.59 -41.74
C ASN B 356 -8.14 -0.85 -41.14
N ASP B 357 -9.12 -0.55 -41.97
CA ASP B 357 -10.32 0.16 -41.52
C ASP B 357 -11.07 -0.59 -40.41
N PHE B 358 -10.80 -1.88 -40.26
CA PHE B 358 -11.53 -2.71 -39.31
C PHE B 358 -10.65 -3.17 -38.14
N LEU B 359 -9.50 -2.49 -37.97
CA LEU B 359 -8.55 -2.72 -36.88
C LEU B 359 -7.90 -4.10 -36.97
N GLN B 360 -7.99 -4.66 -38.16
CA GLN B 360 -7.34 -5.93 -38.47
C GLN B 360 -5.87 -5.65 -38.80
N VAL B 361 -4.97 -6.46 -38.27
CA VAL B 361 -3.56 -6.27 -38.56
C VAL B 361 -3.32 -6.62 -40.02
N LYS B 362 -2.61 -5.75 -40.73
CA LYS B 362 -2.37 -5.97 -42.16
C LYS B 362 -1.48 -7.18 -42.39
N GLY B 363 -1.97 -8.10 -43.24
CA GLY B 363 -1.17 -9.26 -43.62
C GLY B 363 -1.48 -10.44 -42.74
N SER B 364 -2.57 -10.29 -41.99
CA SER B 364 -3.05 -11.29 -41.05
C SER B 364 -4.55 -11.30 -41.22
N ASN B 365 -5.16 -12.47 -41.14
CA ASN B 365 -6.61 -12.50 -41.24
C ASN B 365 -7.31 -12.78 -39.91
N ASN B 366 -6.53 -13.01 -38.85
CA ASN B 366 -7.17 -13.28 -37.56
C ASN B 366 -6.57 -12.53 -36.35
N ILE B 367 -5.60 -11.65 -36.62
CA ILE B 367 -5.03 -10.80 -35.58
C ILE B 367 -5.54 -9.36 -35.66
N PHE B 368 -6.02 -8.86 -34.52
CA PHE B 368 -6.46 -7.47 -34.43
C PHE B 368 -5.56 -6.72 -33.45
N ALA B 369 -5.42 -5.42 -33.65
CA ALA B 369 -4.61 -4.59 -32.76
C ALA B 369 -5.32 -3.27 -32.44
N ILE B 370 -5.43 -2.98 -31.14
CA ILE B 370 -6.03 -1.73 -30.65
C ILE B 370 -5.14 -1.03 -29.61
N GLY B 371 -5.31 0.28 -29.43
CA GLY B 371 -4.54 0.99 -28.41
C GLY B 371 -3.14 1.32 -28.91
N ASP B 372 -2.25 1.65 -27.98
CA ASP B 372 -0.91 2.12 -28.36
C ASP B 372 -0.02 1.13 -29.15
N ASN B 373 -0.34 -0.16 -29.14
CA ASN B 373 0.47 -1.11 -29.91
C ASN B 373 0.07 -1.12 -31.40
N ALA B 374 -0.99 -0.38 -31.71
CA ALA B 374 -1.45 -0.21 -33.08
C ALA B 374 -1.28 1.22 -33.55
N PHE B 375 -0.92 1.37 -34.82
CA PHE B 375 -0.81 2.68 -35.42
C PHE B 375 -1.81 2.83 -36.54
N ALA B 376 -2.63 3.88 -36.46
CA ALA B 376 -3.65 4.17 -37.44
C ALA B 376 -3.71 5.66 -37.71
N GLY B 377 -2.66 6.37 -37.31
CA GLY B 377 -2.59 7.82 -37.48
C GLY B 377 -3.31 8.59 -36.41
N LEU B 378 -3.94 7.86 -35.50
CA LEU B 378 -4.59 8.42 -34.31
C LEU B 378 -3.60 8.61 -33.14
N PRO B 379 -3.92 9.53 -32.22
CA PRO B 379 -3.07 9.72 -31.04
C PRO B 379 -3.09 8.47 -30.13
N PRO B 380 -1.97 8.23 -29.42
CA PRO B 380 -1.81 7.19 -28.40
C PRO B 380 -2.45 7.62 -27.06
N THR B 381 -3.78 7.58 -27.00
CA THR B 381 -4.53 7.93 -25.79
C THR B 381 -5.48 6.81 -25.34
N ALA B 382 -5.95 6.89 -24.09
CA ALA B 382 -6.96 5.95 -23.61
C ALA B 382 -8.26 6.16 -24.37
N GLN B 383 -8.50 7.41 -24.76
CA GLN B 383 -9.72 7.75 -25.48
C GLN B 383 -9.82 6.93 -26.77
N VAL B 384 -8.73 6.91 -27.54
CA VAL B 384 -8.71 6.14 -28.76
C VAL B 384 -8.77 4.64 -28.46
N ALA B 385 -8.00 4.19 -27.48
CA ALA B 385 -7.99 2.75 -27.16
C ALA B 385 -9.39 2.30 -26.77
N HIS B 386 -10.06 3.08 -25.93
CA HIS B 386 -11.41 2.74 -25.52
C HIS B 386 -12.41 2.71 -26.68
N GLN B 387 -12.28 3.63 -27.65
CA GLN B 387 -13.24 3.67 -28.74
C GLN B 387 -13.02 2.53 -29.72
N GLU B 388 -11.74 2.23 -29.98
CA GLU B 388 -11.37 1.09 -30.81
C GLU B 388 -11.92 -0.20 -30.19
N ALA B 389 -11.69 -0.39 -28.89
CA ALA B 389 -12.11 -1.62 -28.22
C ALA B 389 -13.60 -1.85 -28.38
N GLU B 390 -14.39 -0.81 -28.14
CA GLU B 390 -15.83 -0.91 -28.17
C GLU B 390 -16.31 -1.18 -29.60
N TYR B 391 -15.72 -0.47 -30.57
CA TYR B 391 -15.96 -0.74 -31.98
C TYR B 391 -15.68 -2.21 -32.30
N LEU B 392 -14.48 -2.69 -31.97
CA LEU B 392 -14.08 -4.07 -32.31
C LEU B 392 -15.00 -5.15 -31.70
N ALA B 393 -15.48 -4.90 -30.49
CA ALA B 393 -16.32 -5.87 -29.82
C ALA B 393 -17.72 -5.89 -30.45
N LYS B 394 -18.15 -4.74 -30.96
CA LYS B 394 -19.38 -4.69 -31.72
C LYS B 394 -19.22 -5.45 -33.07
N ASN B 395 -18.09 -5.26 -33.76
CA ASN B 395 -17.83 -6.06 -34.95
C ASN B 395 -17.90 -7.55 -34.66
N PHE B 396 -17.40 -7.94 -33.48
CA PHE B 396 -17.41 -9.34 -33.12
C PHE B 396 -18.83 -9.84 -32.87
N ASP B 397 -19.72 -8.96 -32.43
CA ASP B 397 -21.16 -9.27 -32.42
C ASP B 397 -21.71 -9.63 -33.82
N LYS B 398 -21.31 -8.86 -34.84
CA LYS B 398 -21.81 -9.08 -36.19
C LYS B 398 -21.24 -10.33 -36.85
N MET B 399 -19.92 -10.54 -36.71
CA MET B 399 -19.29 -11.78 -37.18
C MET B 399 -19.95 -13.04 -36.60
N ALA B 400 -20.64 -12.88 -35.47
CA ALA B 400 -21.30 -14.01 -34.81
C ALA B 400 -22.68 -14.31 -35.41
N GLN B 401 -23.13 -13.46 -36.32
CA GLN B 401 -24.40 -13.67 -37.03
C GLN B 401 -24.14 -14.15 -38.45
N ILE B 402 -22.89 -14.01 -38.89
CA ILE B 402 -22.46 -14.40 -40.23
C ILE B 402 -21.59 -15.65 -40.16
N PRO B 403 -22.17 -16.80 -40.51
CA PRO B 403 -21.55 -18.13 -40.41
C PRO B 403 -20.19 -18.27 -41.13
N ASN B 404 -19.96 -17.49 -42.19
CA ASN B 404 -18.78 -17.62 -43.04
C ASN B 404 -17.46 -17.20 -42.39
N PHE B 405 -17.54 -16.24 -41.48
CA PHE B 405 -16.37 -15.75 -40.73
C PHE B 405 -15.62 -16.85 -40.00
N GLN B 406 -16.38 -17.54 -39.14
CA GLN B 406 -15.87 -18.65 -38.34
C GLN B 406 -15.47 -19.86 -39.20
N LYS B 407 -15.97 -19.86 -40.44
CA LYS B 407 -15.62 -20.88 -41.43
C LYS B 407 -14.30 -20.55 -42.15
N ASN B 408 -14.05 -19.28 -42.43
CA ASN B 408 -12.77 -18.86 -43.02
C ASN B 408 -11.58 -19.11 -42.09
N LEU B 409 -11.87 -19.33 -40.81
CA LEU B 409 -10.90 -19.78 -39.80
C LEU B 409 -10.19 -21.07 -40.25
N SER B 410 -10.99 -22.09 -40.61
CA SER B 410 -10.49 -23.40 -41.05
C SER B 410 -10.09 -23.40 -42.52
N SER B 411 -10.71 -22.52 -43.31
CA SER B 411 -10.43 -22.38 -44.74
C SER B 411 -8.95 -22.12 -45.05
N ARG B 412 -8.54 -22.44 -46.26
CA ARG B 412 -7.15 -22.30 -46.68
C ARG B 412 -6.83 -20.85 -47.02
N LYS B 413 -7.87 -20.08 -47.36
CA LYS B 413 -7.71 -18.72 -47.85
C LYS B 413 -7.99 -17.62 -46.81
N ASP B 414 -7.05 -16.68 -46.70
CA ASP B 414 -7.26 -15.45 -45.93
C ASP B 414 -8.35 -14.64 -46.63
N LYS B 415 -9.57 -14.73 -46.12
CA LYS B 415 -10.74 -14.12 -46.77
C LYS B 415 -11.43 -13.11 -45.85
N ILE B 416 -10.98 -13.05 -44.60
CA ILE B 416 -11.59 -12.16 -43.59
C ILE B 416 -11.50 -10.65 -43.95
N ASP B 417 -10.39 -10.24 -44.58
CA ASP B 417 -10.28 -8.88 -45.13
C ASP B 417 -11.45 -8.54 -46.08
N LEU B 418 -11.66 -9.40 -47.08
CA LEU B 418 -12.76 -9.24 -48.02
C LEU B 418 -14.11 -9.28 -47.30
N LEU B 419 -14.23 -10.18 -46.34
CA LEU B 419 -15.50 -10.45 -45.66
C LEU B 419 -16.13 -9.23 -44.96
N PHE B 420 -15.30 -8.28 -44.54
CA PHE B 420 -15.78 -7.05 -43.88
C PHE B 420 -16.40 -6.10 -44.88
N GLU B 421 -15.71 -5.87 -46.00
CA GLU B 421 -16.26 -5.04 -47.05
C GLU B 421 -17.50 -5.71 -47.66
N GLU B 422 -17.41 -7.03 -47.80
CA GLU B 422 -18.50 -7.83 -48.37
C GLU B 422 -19.81 -7.66 -47.60
N ASN B 423 -19.74 -7.74 -46.28
CA ASN B 423 -20.95 -7.61 -45.48
C ASN B 423 -21.23 -6.19 -45.05
N ASN B 424 -20.49 -5.25 -45.65
CA ASN B 424 -20.65 -3.83 -45.38
C ASN B 424 -20.63 -3.45 -43.89
N PHE B 425 -19.58 -3.92 -43.21
CA PHE B 425 -19.20 -3.41 -41.90
C PHE B 425 -18.70 -1.99 -42.15
N LYS B 426 -19.10 -1.04 -41.30
CA LYS B 426 -18.50 0.29 -41.35
C LYS B 426 -17.09 0.25 -40.73
N PRO B 427 -16.13 0.94 -41.38
CA PRO B 427 -14.79 1.15 -40.82
C PRO B 427 -14.83 1.92 -39.48
N PHE B 428 -13.81 1.71 -38.65
CA PHE B 428 -13.73 2.42 -37.39
C PHE B 428 -13.54 3.90 -37.65
N LYS B 429 -14.39 4.73 -37.04
CA LYS B 429 -14.22 6.19 -37.07
C LYS B 429 -14.03 6.77 -35.64
N TYR B 430 -12.84 7.31 -35.37
CA TYR B 430 -12.58 7.96 -34.09
C TYR B 430 -13.32 9.30 -33.94
N ASN B 431 -13.96 9.49 -32.80
CA ASN B 431 -14.57 10.77 -32.44
C ASN B 431 -13.84 11.41 -31.26
N ASP B 432 -12.96 12.39 -31.53
CA ASP B 432 -12.30 13.16 -30.47
C ASP B 432 -13.30 13.85 -29.54
N LEU B 433 -13.22 13.55 -28.25
CA LEU B 433 -14.11 14.19 -27.28
C LEU B 433 -13.41 15.31 -26.51
N GLY B 434 -12.16 15.59 -26.86
CA GLY B 434 -11.42 16.63 -26.17
C GLY B 434 -10.29 16.13 -25.27
N ALA B 435 -9.98 16.90 -24.23
CA ALA B 435 -8.82 16.65 -23.40
C ALA B 435 -8.91 17.48 -22.15
N LEU B 436 -8.27 17.04 -21.06
CA LEU B 436 -8.28 17.74 -19.76
C LEU B 436 -6.88 17.71 -19.17
N ALA B 437 -6.53 18.71 -18.37
CA ALA B 437 -5.27 18.65 -17.64
C ALA B 437 -5.43 19.36 -16.29
N TYR B 438 -5.10 18.67 -15.18
CA TYR B 438 -5.02 19.31 -13.86
C TYR B 438 -3.68 20.07 -13.75
N LEU B 439 -3.67 21.22 -13.06
CA LEU B 439 -2.47 22.05 -13.06
C LEU B 439 -1.95 22.31 -11.63
N GLY B 440 -2.59 21.71 -10.63
CA GLY B 440 -2.22 21.96 -9.24
C GLY B 440 -3.03 23.14 -8.75
N SER B 441 -3.09 23.30 -7.42
CA SER B 441 -3.81 24.41 -6.79
C SER B 441 -5.24 24.64 -7.32
N GLU B 442 -5.99 23.54 -7.47
CA GLU B 442 -7.41 23.61 -7.81
C GLU B 442 -7.71 24.37 -9.11
N ARG B 443 -6.78 24.35 -10.07
CA ARG B 443 -7.07 24.84 -11.42
C ARG B 443 -6.85 23.73 -12.44
N ALA B 444 -7.69 23.69 -13.49
CA ALA B 444 -7.55 22.74 -14.60
C ALA B 444 -7.90 23.44 -15.89
N ILE B 445 -7.51 22.85 -17.02
CA ILE B 445 -7.98 23.31 -18.32
C ILE B 445 -8.72 22.16 -18.98
N ALA B 446 -9.68 22.49 -19.81
CA ALA B 446 -10.53 21.47 -20.40
C ALA B 446 -11.14 21.94 -21.71
N THR B 447 -11.23 21.01 -22.66
CA THR B 447 -11.94 21.27 -23.89
C THR B 447 -12.74 20.03 -24.15
N ILE B 448 -14.07 20.18 -24.18
CA ILE B 448 -14.97 19.05 -24.41
C ILE B 448 -15.68 19.22 -25.75
N ARG B 449 -15.69 18.17 -26.56
CA ARG B 449 -16.25 18.32 -27.89
C ARG B 449 -16.88 17.02 -28.38
N SER B 450 -17.48 17.09 -29.57
CA SER B 450 -17.96 15.89 -30.26
C SER B 450 -18.18 16.24 -31.72
N GLY B 451 -17.41 15.60 -32.59
CA GLY B 451 -17.40 16.00 -33.98
C GLY B 451 -16.79 17.39 -34.11
N LYS B 452 -17.57 18.33 -34.68
CA LYS B 452 -17.08 19.68 -34.90
C LYS B 452 -17.59 20.64 -33.83
N ARG B 453 -18.50 20.15 -33.00
CA ARG B 453 -19.05 20.99 -31.94
C ARG B 453 -18.16 21.02 -30.67
N THR B 454 -17.84 22.23 -30.22
CA THR B 454 -17.20 22.42 -28.92
C THR B 454 -18.23 22.83 -27.85
N PHE B 455 -18.28 22.08 -26.74
CA PHE B 455 -19.26 22.34 -25.68
C PHE B 455 -18.67 23.13 -24.53
N TYR B 456 -17.37 23.01 -24.36
CA TYR B 456 -16.70 23.61 -23.21
C TYR B 456 -15.25 23.76 -23.59
N THR B 457 -14.65 24.88 -23.25
CA THR B 457 -13.22 25.05 -23.48
C THR B 457 -12.70 26.25 -22.69
N GLY B 458 -11.79 26.00 -21.77
CA GLY B 458 -11.31 27.03 -20.85
C GLY B 458 -10.60 26.46 -19.66
N GLY B 459 -10.20 27.31 -18.71
CA GLY B 459 -9.46 26.90 -17.54
C GLY B 459 -10.03 27.60 -16.33
N GLY B 460 -9.63 27.18 -15.13
CA GLY B 460 -10.13 27.82 -13.93
C GLY B 460 -10.60 26.89 -12.81
N LEU B 461 -11.21 27.49 -11.78
CA LEU B 461 -11.56 26.78 -10.55
C LEU B 461 -12.67 25.83 -10.89
N MET B 462 -13.67 26.31 -11.61
CA MET B 462 -14.80 25.44 -11.94
C MET B 462 -14.37 24.31 -12.91
N THR B 463 -13.46 24.64 -13.81
CA THR B 463 -12.86 23.64 -14.68
C THR B 463 -12.23 22.49 -13.90
N PHE B 464 -11.68 22.80 -12.72
CA PHE B 464 -11.12 21.77 -11.85
C PHE B 464 -12.20 20.80 -11.31
N TYR B 465 -13.33 21.36 -10.89
CA TYR B 465 -14.44 20.54 -10.42
C TYR B 465 -14.98 19.68 -11.55
N LEU B 466 -15.03 20.26 -12.73
CA LEU B 466 -15.45 19.49 -13.91
C LEU B 466 -14.47 18.35 -14.15
N TRP B 467 -13.18 18.66 -14.06
CA TRP B 467 -12.12 17.66 -14.22
C TRP B 467 -12.35 16.47 -13.28
N ARG B 468 -12.71 16.74 -12.02
CA ARG B 468 -12.99 15.66 -11.08
C ARG B 468 -14.22 14.81 -11.46
N ILE B 469 -15.35 15.48 -11.70
CA ILE B 469 -16.59 14.82 -12.04
C ILE B 469 -16.42 13.98 -13.31
N LEU B 470 -15.79 14.56 -14.33
CA LEU B 470 -15.49 13.81 -15.56
C LEU B 470 -14.60 12.55 -15.39
N TYR B 471 -13.47 12.69 -14.69
CA TYR B 471 -12.58 11.53 -14.49
C TYR B 471 -13.30 10.39 -13.74
N LEU B 472 -14.13 10.79 -12.77
CA LEU B 472 -14.87 9.85 -11.95
C LEU B 472 -15.80 9.09 -12.87
N SER B 473 -16.40 9.79 -13.83
CA SER B 473 -17.27 9.17 -14.85
C SER B 473 -16.58 8.18 -15.75
N MET B 474 -15.30 8.42 -16.07
CA MET B 474 -14.60 7.52 -16.99
C MET B 474 -14.00 6.28 -16.30
N ILE B 475 -14.02 6.26 -14.96
CA ILE B 475 -13.54 5.07 -14.26
C ILE B 475 -14.37 3.85 -14.70
N LEU B 476 -13.72 2.71 -14.94
CA LEU B 476 -14.40 1.55 -15.50
C LEU B 476 -15.11 0.63 -14.48
N SER B 477 -14.91 0.88 -13.19
CA SER B 477 -15.55 0.01 -12.19
C SER B 477 -16.17 0.84 -11.09
N ALA B 478 -17.27 0.34 -10.52
CA ALA B 478 -17.92 0.97 -9.36
C ALA B 478 -16.99 1.06 -8.15
N ARG B 479 -16.22 -0.01 -7.91
CA ARG B 479 -15.36 -0.08 -6.74
C ARG B 479 -14.30 1.01 -6.78
N SER B 480 -13.57 1.05 -7.88
CA SER B 480 -12.52 2.04 -8.07
C SER B 480 -13.12 3.45 -8.01
N ARG B 481 -14.29 3.62 -8.61
CA ARG B 481 -14.98 4.92 -8.56
C ARG B 481 -15.31 5.36 -7.14
N LEU B 482 -15.79 4.45 -6.30
CA LEU B 482 -16.08 4.77 -4.90
C LEU B 482 -14.81 5.12 -4.15
N LYS B 483 -13.73 4.39 -4.44
CA LYS B 483 -12.50 4.54 -3.69
C LYS B 483 -11.83 5.87 -3.97
N VAL B 484 -11.87 6.27 -5.23
CA VAL B 484 -11.31 7.56 -5.62
C VAL B 484 -12.12 8.64 -4.95
N PHE B 485 -13.43 8.46 -4.96
CA PHE B 485 -14.37 9.42 -4.34
C PHE B 485 -14.09 9.55 -2.85
N PHE B 486 -13.93 8.43 -2.16
CA PHE B 486 -13.51 8.46 -0.75
C PHE B 486 -12.16 9.15 -0.56
N ASP B 487 -11.22 8.93 -1.47
CA ASP B 487 -9.92 9.60 -1.35
C ASP B 487 -10.05 11.12 -1.43
N TRP B 488 -10.88 11.61 -2.35
CA TRP B 488 -11.10 13.04 -2.46
C TRP B 488 -11.82 13.62 -1.24
N ILE B 489 -12.83 12.92 -0.74
CA ILE B 489 -13.48 13.36 0.50
C ILE B 489 -12.48 13.46 1.65
N LYS B 490 -11.71 12.40 1.85
CA LYS B 490 -10.68 12.41 2.90
C LYS B 490 -9.74 13.59 2.73
N LEU B 491 -9.42 13.89 1.49
CA LEU B 491 -8.50 14.97 1.18
C LEU B 491 -9.08 16.32 1.60
N ALA B 492 -10.41 16.44 1.65
CA ALA B 492 -11.03 17.70 2.08
C ALA B 492 -10.79 18.01 3.56
N PHE B 493 -10.54 16.97 4.36
CA PHE B 493 -10.34 17.15 5.80
C PHE B 493 -8.91 16.92 6.25
N PHE B 494 -8.18 16.08 5.53
CA PHE B 494 -6.89 15.61 6.05
C PHE B 494 -5.75 15.73 5.05
N LYS B 495 -4.54 15.67 5.57
CA LYS B 495 -3.37 15.70 4.71
C LYS B 495 -3.28 14.36 3.97
N ARG B 496 -2.70 14.39 2.77
CA ARG B 496 -2.42 13.17 2.01
C ARG B 496 -1.56 12.19 2.80
N ASP B 497 -1.84 10.89 2.65
CA ASP B 497 -0.91 9.85 3.08
C ASP B 497 0.38 9.88 2.24
N PHE B 498 1.50 10.11 2.91
CA PHE B 498 2.78 10.12 2.23
C PHE B 498 3.78 9.26 2.98
N PHE B 499 3.48 7.96 3.07
CA PHE B 499 4.37 7.02 3.77
C PHE B 499 5.50 6.53 2.88
N LYS B 500 6.71 6.56 3.42
CA LYS B 500 7.89 6.12 2.71
C LYS B 500 7.76 4.68 2.21
N GLY B 501 7.28 3.77 3.06
CA GLY B 501 7.23 2.37 2.68
C GLY B 501 5.87 1.68 2.65
N LEU B 502 4.82 2.45 2.35
CA LEU B 502 3.50 1.84 2.18
C LEU B 502 2.93 2.08 0.77
#